data_8B8H
#
_entry.id   8B8H
#
_cell.length_a   163.940
_cell.length_b   163.940
_cell.length_c   57.110
_cell.angle_alpha   90.000
_cell.angle_beta   90.000
_cell.angle_gamma   90.000
#
_symmetry.space_group_name_H-M   'P 41 21 2'
#
loop_
_entity.id
_entity.type
_entity.pdbx_description
1 polymer 'Alanine racemase'
2 non-polymer [2-methyl-3-oxidanyl-5-(phosphonooxymethyl)pyridin-4-yl]methyl-(3-oxidanyl-1,2-oxazol-4-yl)azanium
3 non-polymer (~{E})-[2-methyl-3-oxidanyl-5-(phosphonooxymethyl)pyridin-4-yl]methylidene-[(4~{R})-3-oxidanylidene-1,2-oxazolidin-4-yl]azanium
4 non-polymer 'CALCIUM ION'
5 non-polymer 'CHLORIDE ION'
6 non-polymer GLYCEROL
7 non-polymer 1,2-ETHANEDIOL
8 water water
#
_entity_poly.entity_id   1
_entity_poly.type   'polypeptide(L)'
_entity_poly.pdbx_seq_one_letter_code
;GSHMTPISQTPGLLAEAMVDLGAIEHNVRVLREHAGHAQLMAVVKADGYGHGATRVAQTALGAGAAELGVATVDEALALR
ADGITAPVLAWLHPPGIDFGPALLADVQVAVSSLRQLDELLHAVRRTGRTATVTVKVDTGLNRNGVGPAQFPAMLTALRQ
AMAEDAVRLRGLMSHMVYADKPDDSINDVQAQRFTAFLAQAREQGVRFEVAHLSNSSATMARPDLTFDLVRPGIAVYGLS
PVPALGDMGLVPAMTVKCAVALVKSIRAGEGVSYGHTWIAPRDTNLALLPIGYADGVFRSLGGRLEVLINGRRCPGVGRI
CMNQFMVDLGPGPLDVAEGDEAILFGPGIRGEPTAQDWADLVGTIHYEVVTSPRGRITRTYREAENR
;
_entity_poly.pdbx_strand_id   A,B
#
# COMPACT_ATOMS: atom_id res chain seq x y z
N LEU A 14 -6.10 16.65 -0.11
N LEU A 14 -6.01 16.90 0.06
CA LEU A 14 -7.02 15.55 0.17
CA LEU A 14 -6.91 15.73 0.21
C LEU A 14 -6.64 14.88 1.50
C LEU A 14 -6.58 15.04 1.55
N ALA A 15 -5.36 14.53 1.64
CA ALA A 15 -4.95 13.80 2.83
C ALA A 15 -3.42 13.85 2.90
N GLU A 16 -2.89 13.64 4.08
CA GLU A 16 -1.46 13.58 4.18
C GLU A 16 -1.00 12.66 5.30
N ALA A 17 0.21 12.13 5.11
CA ALA A 17 0.97 11.46 6.17
C ALA A 17 2.07 12.43 6.53
N MET A 18 1.85 13.20 7.58
CA MET A 18 2.75 14.25 7.98
C MET A 18 3.74 13.64 8.97
N VAL A 19 5.01 13.68 8.59
CA VAL A 19 6.10 13.15 9.38
C VAL A 19 6.71 14.31 10.17
N ASP A 20 6.65 14.22 11.47
CA ASP A 20 7.19 15.29 12.32
C ASP A 20 8.68 15.00 12.53
N LEU A 21 9.52 15.75 11.83
CA LEU A 21 11.00 15.50 11.95
C LEU A 21 11.50 15.90 13.33
N GLY A 22 10.77 16.79 14.04
CA GLY A 22 11.13 17.05 15.43
C GLY A 22 10.92 15.83 16.30
N ALA A 23 9.95 15.00 15.94
CA ALA A 23 9.73 13.76 16.67
C ALA A 23 10.85 12.78 16.37
N ILE A 24 11.22 12.69 15.11
CA ILE A 24 12.34 11.84 14.68
C ILE A 24 13.57 12.23 15.51
N GLU A 25 13.86 13.52 15.58
CA GLU A 25 15.04 13.98 16.30
C GLU A 25 14.95 13.56 17.77
N HIS A 26 13.81 13.77 18.39
CA HIS A 26 13.61 13.36 19.76
C HIS A 26 13.86 11.86 19.94
N ASN A 27 13.28 11.03 19.05
CA ASN A 27 13.41 9.61 19.17
C ASN A 27 14.85 9.15 19.01
N VAL A 28 15.57 9.77 18.08
CA VAL A 28 16.97 9.43 17.92
C VAL A 28 17.73 9.78 19.20
N ARG A 29 17.42 10.94 19.78
CA ARG A 29 18.11 11.29 21.03
C ARG A 29 17.81 10.27 22.11
N VAL A 30 16.54 9.90 22.25
CA VAL A 30 16.17 8.88 23.25
C VAL A 30 16.94 7.60 22.99
N LEU A 31 17.04 7.18 21.74
CA LEU A 31 17.71 5.95 21.42
C LEU A 31 19.19 6.04 21.69
N ARG A 32 19.78 7.20 21.39
CA ARG A 32 21.22 7.33 21.73
C ARG A 32 21.45 7.26 23.23
N GLU A 33 20.53 7.81 24.03
CA GLU A 33 20.68 7.72 25.47
C GLU A 33 20.66 6.26 25.92
N HIS A 34 19.70 5.47 25.41
CA HIS A 34 19.65 4.05 25.78
C HIS A 34 20.83 3.26 25.24
N ALA A 35 21.38 3.63 24.06
CA ALA A 35 22.51 2.94 23.52
C ALA A 35 23.81 3.24 24.27
N GLY A 36 23.83 4.29 25.10
CA GLY A 36 25.01 4.55 25.92
C GLY A 36 26.22 4.88 25.06
N HIS A 37 27.23 4.06 25.18
CA HIS A 37 28.49 4.23 24.40
C HIS A 37 28.33 3.86 22.95
N ALA A 38 27.31 3.11 22.58
CA ALA A 38 27.22 2.55 21.22
C ALA A 38 26.71 3.61 20.25
N GLN A 39 27.24 3.52 19.03
CA GLN A 39 26.76 4.37 17.96
C GLN A 39 25.45 3.78 17.39
N LEU A 40 24.71 4.62 16.69
CA LEU A 40 23.40 4.28 16.20
C LEU A 40 23.45 4.15 14.69
N MET A 41 22.95 3.03 14.17
CA MET A 41 22.69 2.84 12.75
C MET A 41 21.20 2.93 12.57
N ALA A 42 20.72 4.01 12.01
CA ALA A 42 19.27 4.21 11.81
C ALA A 42 18.82 3.42 10.61
N VAL A 43 17.75 2.64 10.80
CA VAL A 43 17.28 1.72 9.78
C VAL A 43 16.16 2.42 9.01
N VAL A 44 16.38 2.63 7.72
CA VAL A 44 15.51 3.45 6.87
C VAL A 44 15.09 2.69 5.63
N LYS A 45 15.12 1.37 5.70
CA LYS A 45 14.58 0.55 4.60
C LYS A 45 13.07 0.79 4.44
N ALA A 46 12.53 0.29 3.29
CA ALA A 46 11.11 0.41 2.97
C ALA A 46 10.70 1.88 2.94
N ASP A 47 11.51 2.66 2.28
CA ASP A 47 11.34 4.12 2.20
C ASP A 47 11.10 4.70 3.59
N GLY A 48 12.00 4.39 4.50
CA GLY A 48 11.92 4.91 5.82
C GLY A 48 10.67 4.42 6.56
N TYR A 49 10.36 3.15 6.44
CA TYR A 49 9.16 2.56 7.03
C TYR A 49 7.95 3.39 6.64
N GLY A 50 7.95 3.89 5.43
CA GLY A 50 6.85 4.77 4.96
C GLY A 50 6.99 6.23 5.35
N HIS A 51 8.06 6.62 6.09
CA HIS A 51 8.21 8.00 6.48
C HIS A 51 9.14 8.81 5.57
N GLY A 52 9.75 8.14 4.57
CA GLY A 52 10.67 8.77 3.65
C GLY A 52 12.11 8.52 4.05
N ALA A 53 12.80 7.62 3.34
CA ALA A 53 14.12 7.20 3.77
C ALA A 53 15.08 8.40 3.83
N THR A 54 15.08 9.22 2.78
CA THR A 54 16.06 10.29 2.65
C THR A 54 15.87 11.35 3.71
N ARG A 55 14.60 11.83 3.91
CA ARG A 55 14.38 12.86 4.88
CA ARG A 55 14.35 12.85 4.88
C ARG A 55 14.61 12.34 6.29
N VAL A 56 14.15 11.12 6.59
CA VAL A 56 14.41 10.55 7.91
C VAL A 56 15.91 10.33 8.11
N ALA A 57 16.60 9.81 7.10
CA ALA A 57 18.04 9.62 7.26
C ALA A 57 18.72 10.96 7.57
N GLN A 58 18.42 11.97 6.80
CA GLN A 58 19.02 13.29 7.00
C GLN A 58 18.79 13.77 8.42
N THR A 59 17.55 13.68 8.87
CA THR A 59 17.21 14.11 10.20
C THR A 59 17.89 13.29 11.27
N ALA A 60 17.90 11.98 11.10
CA ALA A 60 18.50 11.08 12.08
C ALA A 60 20.01 11.35 12.19
N LEU A 61 20.70 11.50 11.02
CA LEU A 61 22.12 11.88 11.05
C LEU A 61 22.33 13.19 11.77
N GLY A 62 21.45 14.17 11.52
CA GLY A 62 21.60 15.45 12.13
C GLY A 62 21.38 15.43 13.63
N ALA A 63 20.64 14.44 14.14
CA ALA A 63 20.40 14.24 15.56
C ALA A 63 21.41 13.30 16.17
N GLY A 64 22.40 12.87 15.39
CA GLY A 64 23.54 12.15 15.94
C GLY A 64 23.63 10.70 15.56
N ALA A 65 22.72 10.16 14.71
CA ALA A 65 22.97 8.84 14.16
C ALA A 65 24.29 8.87 13.43
N ALA A 66 25.05 7.80 13.56
CA ALA A 66 26.35 7.69 12.90
C ALA A 66 26.29 7.03 11.55
N GLU A 67 25.36 6.13 11.34
CA GLU A 67 25.31 5.34 10.11
C GLU A 67 23.85 5.05 9.75
N LEU A 68 23.66 4.51 8.55
CA LEU A 68 22.34 4.14 8.06
C LEU A 68 22.33 2.69 7.68
N GLY A 69 21.17 2.05 7.93
CA GLY A 69 20.97 0.65 7.50
C GLY A 69 19.77 0.53 6.58
N VAL A 70 19.94 -0.27 5.53
CA VAL A 70 18.85 -0.56 4.61
C VAL A 70 18.94 -2.03 4.23
N ALA A 71 17.86 -2.53 3.62
CA ALA A 71 17.90 -3.89 3.11
C ALA A 71 18.73 -3.99 1.81
N THR A 72 18.40 -3.21 0.77
CA THR A 72 18.95 -3.48 -0.55
C THR A 72 20.00 -2.44 -0.99
N VAL A 73 20.86 -2.87 -1.90
CA VAL A 73 21.79 -1.91 -2.47
C VAL A 73 21.01 -0.83 -3.17
N ASP A 74 19.89 -1.20 -3.80
CA ASP A 74 19.09 -0.18 -4.49
C ASP A 74 18.69 0.92 -3.50
N GLU A 75 18.27 0.52 -2.31
CA GLU A 75 17.87 1.51 -1.31
C GLU A 75 19.06 2.40 -0.95
N ALA A 76 20.24 1.81 -0.84
CA ALA A 76 21.43 2.57 -0.53
C ALA A 76 21.77 3.52 -1.65
N LEU A 77 21.65 3.07 -2.92
CA LEU A 77 22.01 3.92 -4.02
C LEU A 77 21.06 5.12 -4.16
N ALA A 78 19.79 4.94 -3.82
CA ALA A 78 18.85 6.06 -3.77
C ALA A 78 19.27 7.09 -2.73
N LEU A 79 19.63 6.66 -1.52
CA LEU A 79 20.16 7.59 -0.56
C LEU A 79 21.37 8.35 -1.11
N ARG A 80 22.27 7.63 -1.75
CA ARG A 80 23.46 8.27 -2.30
C ARG A 80 23.07 9.28 -3.39
N ALA A 81 22.12 8.91 -4.25
CA ALA A 81 21.69 9.81 -5.32
C ALA A 81 21.06 11.08 -4.75
N ASP A 82 20.49 10.97 -3.56
CA ASP A 82 19.84 12.10 -2.89
C ASP A 82 20.84 12.90 -2.08
N GLY A 83 22.14 12.56 -2.17
CA GLY A 83 23.17 13.35 -1.55
C GLY A 83 23.62 12.90 -0.20
N ILE A 84 23.16 11.74 0.28
CA ILE A 84 23.60 11.19 1.57
C ILE A 84 25.03 10.71 1.42
N THR A 85 25.90 11.14 2.34
CA THR A 85 27.33 10.78 2.30
C THR A 85 27.72 9.96 3.50
N ALA A 86 26.85 9.81 4.49
CA ALA A 86 27.13 9.02 5.67
C ALA A 86 27.24 7.55 5.32
N PRO A 87 27.78 6.73 6.21
CA PRO A 87 27.92 5.31 5.91
C PRO A 87 26.56 4.67 5.74
N VAL A 88 26.47 3.76 4.78
CA VAL A 88 25.22 3.02 4.55
C VAL A 88 25.55 1.55 4.39
N LEU A 89 24.82 0.71 5.13
CA LEU A 89 24.99 -0.75 5.05
C LEU A 89 23.70 -1.36 4.46
N ALA A 90 23.89 -2.28 3.49
CA ALA A 90 22.82 -3.06 2.90
C ALA A 90 23.04 -4.55 3.17
N TRP A 91 21.92 -5.27 3.52
CA TRP A 91 22.04 -6.64 3.99
C TRP A 91 21.11 -7.68 3.32
N LEU A 92 20.39 -7.31 2.27
N LEU A 92 20.37 -7.30 2.28
CA LEU A 92 19.55 -8.25 1.52
CA LEU A 92 19.57 -8.28 1.54
C LEU A 92 19.85 -8.10 0.05
C LEU A 92 19.84 -8.12 0.06
N HIS A 93 20.52 -9.10 -0.55
CA HIS A 93 20.93 -9.07 -1.92
C HIS A 93 20.39 -10.28 -2.69
N PRO A 94 19.77 -10.05 -3.86
CA PRO A 94 19.28 -11.21 -4.62
C PRO A 94 20.40 -11.98 -5.15
N PRO A 95 20.24 -13.29 -5.43
CA PRO A 95 21.31 -14.10 -6.03
C PRO A 95 21.76 -13.51 -7.36
N GLY A 96 23.06 -13.64 -7.62
CA GLY A 96 23.63 -13.14 -8.86
C GLY A 96 23.77 -11.64 -8.95
N ILE A 97 23.67 -10.93 -7.85
CA ILE A 97 23.81 -9.48 -7.90
C ILE A 97 25.22 -9.09 -8.30
N ASP A 98 25.33 -7.98 -9.02
CA ASP A 98 26.63 -7.37 -9.32
C ASP A 98 26.87 -6.33 -8.23
N PHE A 99 27.81 -6.63 -7.33
CA PHE A 99 28.11 -5.71 -6.24
C PHE A 99 28.98 -4.52 -6.70
N GLY A 100 29.30 -4.43 -8.01
CA GLY A 100 30.10 -3.34 -8.53
C GLY A 100 29.53 -1.99 -8.14
N PRO A 101 28.27 -1.76 -8.49
CA PRO A 101 27.69 -0.44 -8.18
C PRO A 101 27.76 -0.08 -6.71
N ALA A 102 27.49 -1.05 -5.80
CA ALA A 102 27.60 -0.77 -4.39
C ALA A 102 29.00 -0.31 -4.04
N LEU A 103 30.01 -1.03 -4.60
CA LEU A 103 31.38 -0.71 -4.21
C LEU A 103 31.76 0.69 -4.70
N LEU A 104 31.34 1.03 -5.90
CA LEU A 104 31.73 2.35 -6.45
C LEU A 104 31.03 3.48 -5.71
N ALA A 105 29.88 3.21 -5.15
CA ALA A 105 29.09 4.21 -4.45
C ALA A 105 29.36 4.22 -2.93
N ASP A 106 30.41 3.53 -2.48
CA ASP A 106 30.75 3.46 -1.05
C ASP A 106 29.57 2.93 -0.21
N VAL A 107 28.91 1.89 -0.70
CA VAL A 107 27.87 1.20 0.04
C VAL A 107 28.50 -0.03 0.71
N GLN A 108 28.37 -0.11 2.03
CA GLN A 108 28.81 -1.28 2.75
C GLN A 108 27.91 -2.47 2.44
N VAL A 109 28.50 -3.65 2.35
CA VAL A 109 27.79 -4.87 1.98
C VAL A 109 27.87 -5.88 3.12
N ALA A 110 26.69 -6.30 3.62
CA ALA A 110 26.60 -7.40 4.53
C ALA A 110 26.36 -8.69 3.73
N VAL A 111 27.23 -9.68 3.92
CA VAL A 111 27.13 -10.99 3.25
C VAL A 111 26.56 -12.00 4.22
N SER A 112 25.69 -12.86 3.72
CA SER A 112 24.99 -13.85 4.52
CA SER A 112 25.00 -13.85 4.53
C SER A 112 25.24 -15.29 4.06
N SER A 113 26.26 -15.52 3.22
CA SER A 113 26.63 -16.86 2.79
C SER A 113 28.00 -16.79 2.12
N LEU A 114 28.64 -17.93 2.07
CA LEU A 114 29.93 -18.04 1.38
C LEU A 114 29.77 -17.71 -0.11
N ARG A 115 28.68 -18.17 -0.72
CA ARG A 115 28.47 -17.86 -2.14
C ARG A 115 28.38 -16.35 -2.34
N GLN A 116 27.66 -15.67 -1.47
CA GLN A 116 27.51 -14.23 -1.57
C GLN A 116 28.86 -13.54 -1.36
N LEU A 117 29.69 -14.04 -0.46
CA LEU A 117 31.00 -13.44 -0.31
C LEU A 117 31.79 -13.61 -1.62
N ASP A 118 31.65 -14.76 -2.27
CA ASP A 118 32.38 -14.91 -3.55
C ASP A 118 31.86 -13.94 -4.60
N GLU A 119 30.54 -13.72 -4.67
CA GLU A 119 30.01 -12.70 -5.57
C GLU A 119 30.64 -11.34 -5.27
N LEU A 120 30.83 -11.02 -3.99
CA LEU A 120 31.36 -9.70 -3.63
C LEU A 120 32.82 -9.60 -4.03
N LEU A 121 33.61 -10.68 -3.77
CA LEU A 121 35.03 -10.64 -4.08
C LEU A 121 35.23 -10.67 -5.62
N HIS A 122 34.31 -11.27 -6.37
CA HIS A 122 34.36 -11.15 -7.82
C HIS A 122 34.19 -9.69 -8.23
N ALA A 123 33.22 -8.98 -7.61
CA ALA A 123 33.02 -7.57 -7.92
C ALA A 123 34.21 -6.74 -7.49
N VAL A 124 34.86 -7.10 -6.40
CA VAL A 124 36.09 -6.40 -5.99
C VAL A 124 37.15 -6.52 -7.08
N ARG A 125 37.20 -7.68 -7.74
CA ARG A 125 38.22 -7.91 -8.78
C ARG A 125 37.93 -7.12 -10.04
N ARG A 126 36.67 -7.04 -10.45
CA ARG A 126 36.31 -6.24 -11.62
C ARG A 126 36.51 -4.73 -11.39
N THR A 127 36.22 -4.25 -10.17
CA THR A 127 36.21 -2.81 -9.89
C THR A 127 37.55 -2.29 -9.34
N GLY A 128 38.34 -3.14 -8.72
CA GLY A 128 39.53 -2.68 -8.03
C GLY A 128 39.27 -1.88 -6.79
N ARG A 129 38.10 -2.02 -6.15
CA ARG A 129 37.76 -1.26 -4.95
CA ARG A 129 37.76 -1.26 -4.95
C ARG A 129 37.58 -2.22 -3.77
N THR A 130 38.26 -1.92 -2.66
CA THR A 130 38.06 -2.67 -1.43
C THR A 130 36.63 -2.60 -0.96
N ALA A 131 36.10 -3.75 -0.56
CA ALA A 131 34.74 -3.87 -0.04
C ALA A 131 34.78 -3.68 1.46
N THR A 132 33.84 -2.89 1.99
CA THR A 132 33.73 -2.72 3.44
C THR A 132 32.65 -3.70 3.90
N VAL A 133 33.09 -4.84 4.41
CA VAL A 133 32.22 -5.99 4.53
C VAL A 133 31.73 -6.14 5.98
N THR A 134 30.47 -6.44 6.12
CA THR A 134 29.89 -6.97 7.32
C THR A 134 29.39 -8.38 7.09
N VAL A 135 29.60 -9.26 8.06
CA VAL A 135 29.12 -10.63 7.98
C VAL A 135 27.87 -10.73 8.83
N LYS A 136 26.76 -11.11 8.20
CA LYS A 136 25.47 -11.30 8.85
C LYS A 136 25.37 -12.78 9.19
N VAL A 137 25.30 -13.10 10.49
CA VAL A 137 25.36 -14.48 10.97
C VAL A 137 24.00 -14.84 11.57
N ASP A 138 23.68 -16.12 11.46
CA ASP A 138 22.40 -16.67 11.94
C ASP A 138 22.59 -17.09 13.39
N THR A 139 21.88 -16.42 14.31
CA THR A 139 21.83 -16.81 15.70
C THR A 139 20.47 -17.37 16.09
N GLY A 140 19.66 -17.79 15.10
CA GLY A 140 18.39 -18.43 15.38
C GLY A 140 17.21 -17.94 14.53
N LEU A 141 17.37 -16.81 13.83
CA LEU A 141 16.30 -16.35 12.97
C LEU A 141 16.03 -17.34 11.85
N ASN A 142 17.08 -17.98 11.34
CA ASN A 142 16.99 -18.94 10.22
C ASN A 142 16.40 -18.29 8.96
N ARG A 143 16.43 -16.98 8.86
CA ARG A 143 16.00 -16.30 7.64
C ARG A 143 17.11 -16.50 6.62
N ASN A 144 18.02 -15.53 6.54
CA ASN A 144 19.29 -15.72 5.92
C ASN A 144 20.33 -15.83 7.03
N GLY A 145 21.55 -15.40 6.77
CA GLY A 145 22.60 -15.38 7.74
C GLY A 145 23.51 -16.57 7.62
N VAL A 146 24.80 -16.37 7.86
CA VAL A 146 25.77 -17.44 7.85
C VAL A 146 25.57 -18.33 9.09
N GLY A 147 25.55 -19.64 8.89
CA GLY A 147 25.43 -20.56 10.00
C GLY A 147 26.77 -20.88 10.66
N PRO A 148 26.72 -21.40 11.90
CA PRO A 148 27.99 -21.80 12.55
C PRO A 148 28.78 -22.80 11.76
N ALA A 149 28.12 -23.66 10.98
CA ALA A 149 28.86 -24.65 10.20
C ALA A 149 29.78 -23.99 9.17
N GLN A 150 29.32 -22.90 8.56
CA GLN A 150 30.03 -22.24 7.45
C GLN A 150 30.90 -21.09 7.91
N PHE A 151 30.69 -20.61 9.13
CA PHE A 151 31.44 -19.44 9.61
C PHE A 151 32.94 -19.67 9.68
N PRO A 152 33.46 -20.81 10.15
CA PRO A 152 34.92 -20.97 10.16
C PRO A 152 35.54 -20.85 8.78
N ALA A 153 34.91 -21.44 7.77
CA ALA A 153 35.45 -21.31 6.41
C ALA A 153 35.39 -19.83 5.95
N MET A 154 34.30 -19.14 6.27
CA MET A 154 34.19 -17.74 5.91
CA MET A 154 34.22 -17.74 5.89
C MET A 154 35.33 -16.92 6.53
N LEU A 155 35.65 -17.18 7.80
CA LEU A 155 36.72 -16.43 8.44
C LEU A 155 38.05 -16.69 7.74
N THR A 156 38.29 -17.94 7.36
CA THR A 156 39.53 -18.28 6.68
C THR A 156 39.66 -17.51 5.36
N ALA A 157 38.56 -17.42 4.62
CA ALA A 157 38.58 -16.66 3.36
C ALA A 157 38.73 -15.16 3.63
N LEU A 158 38.06 -14.66 4.67
CA LEU A 158 38.09 -13.20 4.86
C LEU A 158 39.47 -12.76 5.28
N ARG A 159 40.13 -13.58 6.09
CA ARG A 159 41.50 -13.26 6.49
C ARG A 159 42.39 -13.13 5.27
N GLN A 160 42.14 -13.97 4.24
CA GLN A 160 42.96 -13.96 3.03
C GLN A 160 42.68 -12.72 2.15
N ALA A 161 41.41 -12.32 2.06
CA ALA A 161 41.04 -11.10 1.36
C ALA A 161 41.53 -9.84 2.10
N MET A 162 41.47 -9.86 3.44
CA MET A 162 41.99 -8.72 4.20
C MET A 162 43.47 -8.52 3.94
N ALA A 163 44.23 -9.63 3.89
CA ALA A 163 45.66 -9.51 3.67
C ALA A 163 45.98 -8.74 2.41
N GLU A 164 45.20 -8.94 1.36
CA GLU A 164 45.42 -8.22 0.09
C GLU A 164 44.57 -6.95 -0.04
N ASP A 165 44.02 -6.45 1.06
CA ASP A 165 43.19 -5.24 1.03
C ASP A 165 42.01 -5.36 0.07
N ALA A 166 41.56 -6.59 -0.25
CA ALA A 166 40.31 -6.76 -1.00
C ALA A 166 39.07 -6.50 -0.14
N VAL A 167 39.14 -6.73 1.16
CA VAL A 167 38.03 -6.40 2.04
C VAL A 167 38.58 -5.69 3.26
N ARG A 168 37.82 -4.74 3.76
CA ARG A 168 37.96 -4.17 5.10
C ARG A 168 36.88 -4.85 5.95
N LEU A 169 37.30 -5.45 7.06
CA LEU A 169 36.39 -6.25 7.88
C LEU A 169 35.74 -5.35 8.91
N ARG A 170 34.68 -4.70 8.51
CA ARG A 170 34.03 -3.70 9.33
C ARG A 170 33.18 -4.34 10.44
N GLY A 171 32.24 -5.23 10.10
CA GLY A 171 31.18 -5.57 11.04
C GLY A 171 30.84 -7.05 11.13
N LEU A 172 30.44 -7.45 12.33
CA LEU A 172 29.69 -8.70 12.54
C LEU A 172 28.30 -8.33 13.00
N MET A 173 27.28 -8.96 12.42
CA MET A 173 25.88 -8.61 12.79
C MET A 173 25.02 -9.84 12.80
N SER A 174 23.95 -9.74 13.61
CA SER A 174 22.85 -10.70 13.58
C SER A 174 21.60 -9.96 14.01
N HIS A 175 20.45 -10.64 13.90
CA HIS A 175 19.14 -10.06 14.13
C HIS A 175 18.33 -10.89 15.11
N MET A 176 17.67 -10.21 16.01
CA MET A 176 16.91 -10.85 17.08
C MET A 176 15.61 -11.44 16.59
N VAL A 177 15.27 -12.62 17.09
CA VAL A 177 14.03 -13.32 16.72
C VAL A 177 12.79 -12.66 17.38
N TYR A 178 12.87 -12.40 18.66
CA TYR A 178 11.66 -12.00 19.46
C TYR A 178 12.07 -11.03 20.55
N ALA A 179 12.79 -9.96 20.18
CA ALA A 179 13.20 -8.95 21.17
C ALA A 179 12.04 -8.12 21.67
N ASP A 180 10.89 -8.10 20.98
CA ASP A 180 9.69 -7.46 21.51
C ASP A 180 9.05 -8.28 22.61
N LYS A 181 9.66 -9.40 23.00
CA LYS A 181 9.37 -10.11 24.24
C LYS A 181 10.70 -10.15 25.01
N PRO A 182 11.18 -9.00 25.47
CA PRO A 182 12.61 -8.91 25.88
C PRO A 182 12.96 -9.84 27.01
N ASP A 183 12.01 -10.20 27.86
CA ASP A 183 12.32 -11.11 28.95
C ASP A 183 12.51 -12.53 28.46
N ASP A 184 11.99 -12.87 27.28
CA ASP A 184 12.14 -14.23 26.77
C ASP A 184 13.62 -14.61 26.77
N SER A 185 13.89 -15.84 27.18
CA SER A 185 15.27 -16.34 27.25
C SER A 185 15.93 -16.41 25.89
N ILE A 186 15.13 -16.50 24.82
CA ILE A 186 15.74 -16.61 23.48
C ILE A 186 16.64 -15.42 23.23
N ASN A 187 16.31 -14.25 23.78
CA ASN A 187 17.17 -13.09 23.59
C ASN A 187 18.54 -13.34 24.18
N ASP A 188 18.59 -13.83 25.42
CA ASP A 188 19.85 -14.21 26.03
C ASP A 188 20.57 -15.28 25.22
N VAL A 189 19.82 -16.25 24.67
CA VAL A 189 20.40 -17.34 23.91
C VAL A 189 21.05 -16.79 22.63
N GLN A 190 20.34 -15.92 21.94
CA GLN A 190 20.88 -15.34 20.72
C GLN A 190 22.13 -14.53 21.03
N ALA A 191 22.13 -13.78 22.12
CA ALA A 191 23.32 -12.99 22.45
C ALA A 191 24.49 -13.87 22.76
N GLN A 192 24.23 -15.01 23.41
CA GLN A 192 25.32 -15.95 23.69
C GLN A 192 25.84 -16.60 22.41
N ARG A 193 24.94 -16.98 21.50
CA ARG A 193 25.39 -17.43 20.19
C ARG A 193 26.19 -16.35 19.49
N PHE A 194 25.72 -15.10 19.55
CA PHE A 194 26.44 -14.02 18.88
C PHE A 194 27.85 -13.87 19.46
N THR A 195 27.93 -13.93 20.79
CA THR A 195 29.24 -13.95 21.45
C THR A 195 30.09 -15.10 20.99
N ALA A 196 29.50 -16.28 20.77
CA ALA A 196 30.28 -17.41 20.29
C ALA A 196 30.87 -17.15 18.91
N PHE A 197 30.13 -16.46 18.07
CA PHE A 197 30.68 -16.08 16.77
C PHE A 197 31.86 -15.13 16.94
N LEU A 198 31.68 -14.08 17.75
CA LEU A 198 32.83 -13.19 18.01
C LEU A 198 34.03 -13.98 18.52
N ALA A 199 33.79 -14.89 19.47
CA ALA A 199 34.87 -15.71 20.01
C ALA A 199 35.50 -16.55 18.92
N GLN A 200 34.68 -17.18 18.07
CA GLN A 200 35.28 -18.00 16.99
C GLN A 200 36.20 -17.15 16.11
N ALA A 201 35.82 -15.89 15.86
CA ALA A 201 36.66 -15.02 15.03
C ALA A 201 37.92 -14.62 15.78
N ARG A 202 37.81 -14.30 17.05
CA ARG A 202 39.01 -13.96 17.82
C ARG A 202 40.03 -15.11 17.83
N GLU A 203 39.56 -16.34 18.04
CA GLU A 203 40.50 -17.47 18.12
C GLU A 203 41.10 -17.77 16.76
N GLN A 204 40.42 -17.44 15.68
CA GLN A 204 40.96 -17.60 14.36
C GLN A 204 41.71 -16.34 13.88
N GLY A 205 41.99 -15.39 14.79
CA GLY A 205 42.78 -14.23 14.43
C GLY A 205 42.14 -13.29 13.43
N VAL A 206 40.80 -13.22 13.44
CA VAL A 206 40.03 -12.35 12.55
C VAL A 206 39.26 -11.37 13.44
N ARG A 207 39.52 -10.07 13.26
CA ARG A 207 38.97 -9.03 14.13
C ARG A 207 38.03 -8.15 13.32
N PHE A 208 36.83 -7.96 13.82
CA PHE A 208 35.87 -7.03 13.25
C PHE A 208 35.99 -5.67 13.93
N GLU A 209 35.75 -4.61 13.17
CA GLU A 209 35.80 -3.28 13.79
C GLU A 209 34.69 -3.12 14.80
N VAL A 210 33.49 -3.63 14.48
CA VAL A 210 32.31 -3.45 15.32
C VAL A 210 31.43 -4.70 15.24
N ALA A 211 30.66 -4.93 16.28
CA ALA A 211 29.65 -5.99 16.30
C ALA A 211 28.34 -5.36 16.71
N HIS A 212 27.27 -5.79 16.10
CA HIS A 212 25.96 -5.26 16.48
C HIS A 212 24.86 -6.33 16.34
N LEU A 213 24.02 -6.39 17.36
CA LEU A 213 22.94 -7.35 17.42
C LEU A 213 21.58 -6.68 17.59
N SER A 214 21.55 -5.44 18.04
CA SER A 214 20.37 -4.88 18.66
C SER A 214 19.47 -4.17 17.67
N ASN A 215 18.21 -4.57 17.65
CA ASN A 215 17.16 -3.77 17.03
C ASN A 215 16.61 -2.76 18.02
N SER A 216 15.45 -2.16 17.70
CA SER A 216 14.88 -1.18 18.63
C SER A 216 14.57 -1.79 19.98
N SER A 217 13.97 -2.98 19.97
CA SER A 217 13.54 -3.62 21.21
C SER A 217 14.73 -3.91 22.11
N ALA A 218 15.77 -4.52 21.52
CA ALA A 218 16.96 -4.82 22.30
C ALA A 218 17.60 -3.54 22.80
N THR A 219 17.65 -2.52 21.95
CA THR A 219 18.29 -1.26 22.32
C THR A 219 17.60 -0.63 23.52
N MET A 220 16.28 -0.57 23.48
CA MET A 220 15.61 0.15 24.56
CA MET A 220 15.49 0.14 24.51
C MET A 220 15.30 -0.71 25.76
N ALA A 221 15.20 -2.01 25.63
CA ALA A 221 14.78 -2.87 26.75
C ALA A 221 15.82 -3.84 27.21
N ARG A 222 16.85 -4.13 26.40
CA ARG A 222 17.92 -5.01 26.79
C ARG A 222 19.26 -4.34 26.49
N PRO A 223 19.57 -3.26 27.20
CA PRO A 223 20.87 -2.63 27.04
C PRO A 223 22.01 -3.51 27.46
N ASP A 224 21.75 -4.55 28.26
CA ASP A 224 22.78 -5.47 28.61
C ASP A 224 23.24 -6.28 27.41
N LEU A 225 22.48 -6.30 26.33
CA LEU A 225 22.82 -7.02 25.12
C LEU A 225 23.35 -6.10 24.04
N THR A 226 23.69 -4.86 24.36
CA THR A 226 24.22 -3.94 23.37
C THR A 226 25.71 -4.14 23.18
N PHE A 227 26.14 -4.19 21.92
CA PHE A 227 27.57 -4.37 21.60
C PHE A 227 28.14 -3.01 21.19
N ASP A 228 28.74 -2.91 19.99
CA ASP A 228 29.33 -1.64 19.59
C ASP A 228 28.39 -0.70 18.92
N LEU A 229 27.35 -1.24 18.27
CA LEU A 229 26.39 -0.43 17.52
C LEU A 229 25.00 -0.94 17.85
N VAL A 230 24.03 -0.07 17.66
CA VAL A 230 22.63 -0.47 17.69
C VAL A 230 22.00 -0.13 16.36
N ARG A 231 21.01 -0.91 15.97
CA ARG A 231 20.40 -0.85 14.65
C ARG A 231 18.88 -0.66 14.76
N PRO A 232 18.42 0.41 15.37
CA PRO A 232 16.95 0.62 15.53
C PRO A 232 16.29 1.09 14.24
N GLY A 233 15.14 0.49 13.97
CA GLY A 233 14.27 1.01 12.93
C GLY A 233 13.01 1.60 13.54
N ILE A 234 12.16 0.73 14.02
CA ILE A 234 10.79 1.13 14.47
C ILE A 234 10.83 2.28 15.47
N ALA A 235 11.74 2.29 16.42
CA ALA A 235 11.74 3.34 17.45
C ALA A 235 12.17 4.69 16.88
N VAL A 236 12.95 4.71 15.80
CA VAL A 236 13.32 5.98 15.20
C VAL A 236 12.03 6.72 14.78
N TYR A 237 11.05 5.95 14.33
CA TYR A 237 9.75 6.48 13.90
C TYR A 237 8.82 6.70 15.07
N GLY A 238 9.29 6.43 16.29
CA GLY A 238 8.55 6.71 17.50
C GLY A 238 7.56 5.65 17.86
N LEU A 239 7.59 4.53 17.18
CA LEU A 239 6.66 3.43 17.40
C LEU A 239 7.24 2.48 18.42
N SER A 240 6.45 2.07 19.40
CA SER A 240 7.01 1.36 20.54
C SER A 240 7.56 0.03 20.08
N PRO A 241 8.83 -0.28 20.40
CA PRO A 241 9.35 -1.59 20.09
C PRO A 241 8.84 -2.70 20.99
N VAL A 242 8.18 -2.37 22.13
CA VAL A 242 7.60 -3.36 23.00
C VAL A 242 6.23 -2.77 23.35
N PRO A 243 5.24 -3.00 22.51
CA PRO A 243 3.97 -2.30 22.70
C PRO A 243 3.43 -2.45 24.13
N ALA A 244 3.60 -3.62 24.73
CA ALA A 244 3.04 -3.90 26.05
C ALA A 244 3.61 -2.97 27.11
N LEU A 245 4.78 -2.34 26.84
CA LEU A 245 5.42 -1.46 27.80
C LEU A 245 5.06 -0.01 27.61
N GLY A 246 4.21 0.30 26.67
CA GLY A 246 3.84 1.70 26.43
C GLY A 246 4.74 2.39 25.45
N ASP A 247 4.72 3.72 25.48
CA ASP A 247 5.42 4.43 24.40
C ASP A 247 6.92 4.51 24.63
N MET A 248 7.38 4.10 25.81
CA MET A 248 8.82 4.02 26.10
C MET A 248 9.49 5.37 25.85
N GLY A 249 8.75 6.43 26.04
CA GLY A 249 9.28 7.79 25.98
C GLY A 249 9.55 8.26 24.57
N LEU A 250 9.10 7.48 23.58
CA LEU A 250 9.18 7.80 22.16
C LEU A 250 7.90 8.54 21.72
N VAL A 251 8.00 9.23 20.61
CA VAL A 251 6.85 9.96 20.02
C VAL A 251 6.67 9.52 18.58
N PRO A 252 5.57 8.80 18.26
CA PRO A 252 5.29 8.42 16.89
C PRO A 252 5.32 9.64 15.97
N ALA A 253 6.10 9.53 14.89
CA ALA A 253 6.39 10.64 14.04
C ALA A 253 5.36 10.88 12.96
N MET A 254 4.54 9.89 12.65
CA MET A 254 3.64 9.95 11.50
C MET A 254 2.21 10.28 12.00
N THR A 255 1.62 11.32 11.47
CA THR A 255 0.18 11.63 11.62
C THR A 255 -0.48 11.51 10.27
N VAL A 256 -1.44 10.59 10.13
CA VAL A 256 -2.27 10.43 8.96
C VAL A 256 -3.59 11.19 9.19
N LYS A 257 -3.83 12.17 8.33
CA LYS A 257 -5.00 13.05 8.47
C LYS A 257 -5.52 13.36 7.09
N CYS A 258 -6.80 13.76 7.07
CA CYS A 258 -7.42 14.13 5.79
CA CYS A 258 -7.52 14.01 5.83
C CYS A 258 -8.43 15.22 6.03
N ALA A 259 -8.83 15.86 4.92
CA ALA A 259 -9.86 16.88 4.98
C ALA A 259 -11.22 16.20 4.97
N VAL A 260 -12.12 16.70 5.77
CA VAL A 260 -13.52 16.31 5.70
C VAL A 260 -14.07 16.81 4.36
N ALA A 261 -14.57 15.90 3.56
CA ALA A 261 -14.95 16.30 2.21
C ALA A 261 -16.41 16.70 2.13
N LEU A 262 -17.22 16.15 3.03
CA LEU A 262 -18.65 16.39 2.99
C LEU A 262 -19.18 16.13 4.38
N VAL A 263 -20.16 16.95 4.80
CA VAL A 263 -20.96 16.71 5.97
C VAL A 263 -22.42 16.59 5.54
N LYS A 264 -23.14 15.67 6.12
CA LYS A 264 -24.54 15.50 5.72
C LYS A 264 -25.31 14.92 6.88
N SER A 265 -26.60 15.23 6.90
CA SER A 265 -27.48 14.61 7.87
C SER A 265 -28.07 13.36 7.21
N ILE A 266 -28.40 12.40 8.01
CA ILE A 266 -29.15 11.24 7.53
C ILE A 266 -30.25 10.94 8.55
N ARG A 267 -31.23 10.18 8.10
CA ARG A 267 -32.32 9.78 8.96
C ARG A 267 -32.13 8.35 9.45
N ALA A 268 -32.64 8.09 10.65
CA ALA A 268 -32.72 6.73 11.16
C ALA A 268 -33.30 5.77 10.13
N GLY A 269 -32.72 4.58 10.04
CA GLY A 269 -33.17 3.57 9.09
C GLY A 269 -32.52 3.67 7.74
N GLU A 270 -31.74 4.72 7.45
CA GLU A 270 -31.03 4.82 6.19
C GLU A 270 -29.73 4.03 6.22
N GLY A 271 -29.46 3.29 5.14
CA GLY A 271 -28.20 2.57 5.07
C GLY A 271 -27.07 3.44 4.52
N VAL A 272 -25.83 3.05 4.84
CA VAL A 272 -24.67 3.80 4.45
C VAL A 272 -23.68 2.87 3.77
N SER A 273 -23.22 3.27 2.58
CA SER A 273 -22.09 2.64 1.90
C SER A 273 -22.45 1.26 1.38
N TYR A 274 -21.46 0.55 0.86
CA TYR A 274 -21.78 -0.66 0.07
C TYR A 274 -22.45 -1.73 0.92
N GLY A 275 -23.48 -2.36 0.36
CA GLY A 275 -24.24 -3.39 1.04
C GLY A 275 -25.08 -2.90 2.19
N HIS A 276 -25.10 -1.58 2.45
CA HIS A 276 -25.85 -1.04 3.58
C HIS A 276 -25.54 -1.82 4.87
N THR A 277 -24.25 -2.14 5.06
CA THR A 277 -23.85 -2.94 6.21
C THR A 277 -24.01 -2.19 7.52
N TRP A 278 -24.21 -0.88 7.48
CA TRP A 278 -24.57 -0.08 8.64
C TRP A 278 -25.89 0.63 8.36
N ILE A 279 -26.84 0.49 9.26
CA ILE A 279 -28.11 1.21 9.19
C ILE A 279 -28.16 2.16 10.37
N ALA A 280 -28.44 3.43 10.08
CA ALA A 280 -28.51 4.45 11.12
C ALA A 280 -29.56 4.07 12.16
N PRO A 281 -29.18 3.92 13.43
CA PRO A 281 -30.20 3.71 14.47
C PRO A 281 -30.93 4.98 14.90
N ARG A 282 -30.50 6.15 14.43
CA ARG A 282 -31.06 7.43 14.85
C ARG A 282 -30.69 8.48 13.82
N ASP A 283 -31.45 9.56 13.75
CA ASP A 283 -31.05 10.70 12.95
C ASP A 283 -29.71 11.19 13.47
N THR A 284 -28.79 11.50 12.57
CA THR A 284 -27.43 11.81 12.95
C THR A 284 -26.81 12.55 11.77
N ASN A 285 -25.55 12.98 11.97
CA ASN A 285 -24.75 13.64 10.99
C ASN A 285 -23.57 12.74 10.64
N LEU A 286 -23.16 12.77 9.37
CA LEU A 286 -22.00 11.98 8.92
C LEU A 286 -20.99 12.86 8.26
N ALA A 287 -19.74 12.39 8.22
CA ALA A 287 -18.68 13.04 7.47
C ALA A 287 -18.12 12.04 6.47
N LEU A 288 -17.89 12.48 5.27
CA LEU A 288 -17.24 11.67 4.27
C LEU A 288 -15.76 11.98 4.28
N LEU A 289 -14.95 10.94 4.49
CA LEU A 289 -13.46 11.10 4.49
C LEU A 289 -12.90 10.51 3.20
N PRO A 290 -12.24 11.28 2.35
CA PRO A 290 -11.95 10.88 0.90
C PRO A 290 -10.66 10.06 0.83
N ILE A 291 -10.42 9.13 1.70
CA ILE A 291 -9.35 8.14 1.57
C ILE A 291 -9.93 6.78 1.91
N GLY A 292 -9.35 5.74 1.32
CA GLY A 292 -9.85 4.40 1.48
C GLY A 292 -8.76 3.31 1.42
N TYR A 293 -9.14 2.09 1.10
CA TYR A 293 -8.17 1.00 1.19
C TYR A 293 -7.11 1.07 0.06
N ALA A 294 -7.40 1.69 -1.06
CA ALA A 294 -6.34 1.86 -2.04
C ALA A 294 -5.32 2.89 -1.57
N ASP A 295 -5.61 3.63 -0.51
CA ASP A 295 -4.70 4.61 0.07
C ASP A 295 -4.04 4.10 1.35
N GLY A 296 -4.34 2.85 1.73
CA GLY A 296 -3.74 2.19 2.85
C GLY A 296 -4.65 2.10 4.06
N VAL A 297 -5.87 2.61 3.97
CA VAL A 297 -6.85 2.44 5.05
C VAL A 297 -7.41 1.02 4.94
N PHE A 298 -6.79 0.09 5.68
CA PHE A 298 -7.17 -1.31 5.64
C PHE A 298 -8.71 -1.48 5.64
N ARG A 299 -9.22 -2.22 4.66
CA ARG A 299 -10.66 -2.38 4.57
C ARG A 299 -11.22 -3.00 5.83
N SER A 300 -10.41 -3.86 6.49
CA SER A 300 -10.92 -4.54 7.67
C SER A 300 -11.10 -3.60 8.85
N LEU A 301 -10.68 -2.34 8.73
CA LEU A 301 -10.95 -1.35 9.78
C LEU A 301 -12.42 -0.90 9.76
N GLY A 302 -13.15 -1.26 8.72
CA GLY A 302 -14.50 -0.72 8.51
C GLY A 302 -15.37 -1.04 9.71
N GLY A 303 -16.05 -0.02 10.27
CA GLY A 303 -16.92 -0.23 11.40
C GLY A 303 -16.19 -0.52 12.67
N ARG A 304 -14.86 -0.38 12.70
CA ARG A 304 -14.09 -0.52 13.92
C ARG A 304 -13.27 0.68 14.24
N LEU A 305 -12.70 1.34 13.25
CA LEU A 305 -11.83 2.45 13.54
C LEU A 305 -12.61 3.68 14.00
N GLU A 306 -11.90 4.58 14.68
CA GLU A 306 -12.37 5.92 14.99
C GLU A 306 -11.41 6.95 14.44
N VAL A 307 -11.92 8.14 14.16
CA VAL A 307 -11.10 9.27 13.80
C VAL A 307 -11.34 10.36 14.83
N LEU A 308 -10.39 11.30 14.89
CA LEU A 308 -10.49 12.47 15.73
C LEU A 308 -10.80 13.68 14.87
N ILE A 309 -11.89 14.39 15.19
CA ILE A 309 -12.24 15.59 14.49
C ILE A 309 -12.59 16.64 15.53
N ASN A 310 -11.86 17.73 15.53
CA ASN A 310 -12.02 18.83 16.47
C ASN A 310 -12.09 18.32 17.92
N GLY A 311 -11.15 17.43 18.25
CA GLY A 311 -11.05 16.95 19.64
C GLY A 311 -11.99 15.81 20.02
N ARG A 312 -12.87 15.36 19.13
CA ARG A 312 -13.87 14.32 19.43
C ARG A 312 -13.59 13.07 18.59
N ARG A 313 -13.78 11.89 19.19
CA ARG A 313 -13.70 10.63 18.46
C ARG A 313 -14.99 10.38 17.69
N CYS A 314 -14.86 10.07 16.40
CA CYS A 314 -15.97 9.75 15.53
C CYS A 314 -15.80 8.37 14.91
N PRO A 315 -16.70 7.43 15.13
CA PRO A 315 -16.51 6.07 14.62
C PRO A 315 -16.79 5.95 13.13
N GLY A 316 -15.94 5.20 12.43
CA GLY A 316 -16.29 4.80 11.09
C GLY A 316 -17.60 3.98 11.07
N VAL A 317 -18.40 4.22 10.07
CA VAL A 317 -19.63 3.44 9.87
C VAL A 317 -19.74 3.01 8.42
N GLY A 318 -20.17 1.78 8.21
CA GLY A 318 -20.23 1.23 6.89
C GLY A 318 -18.89 0.77 6.39
N ARG A 319 -18.90 0.18 5.21
CA ARG A 319 -17.72 -0.37 4.61
C ARG A 319 -16.73 0.73 4.25
N ILE A 320 -15.47 0.39 4.31
CA ILE A 320 -14.45 1.27 3.77
C ILE A 320 -14.39 0.97 2.29
N CYS A 321 -14.46 2.00 1.46
CA CYS A 321 -14.45 1.90 0.01
C CYS A 321 -13.01 2.06 -0.53
N MET A 322 -12.86 2.00 -1.85
CA MET A 322 -11.51 2.08 -2.41
C MET A 322 -10.81 3.37 -2.02
N ASN A 323 -11.55 4.48 -2.00
CA ASN A 323 -10.92 5.76 -1.72
C ASN A 323 -11.75 6.67 -0.83
N GLN A 324 -12.69 6.10 -0.07
CA GLN A 324 -13.42 6.95 0.87
C GLN A 324 -14.09 6.07 1.91
N PHE A 325 -14.45 6.69 3.05
CA PHE A 325 -15.31 6.04 4.02
C PHE A 325 -16.06 7.12 4.79
N MET A 326 -17.08 6.69 5.52
CA MET A 326 -17.94 7.59 6.29
C MET A 326 -17.68 7.44 7.78
N VAL A 327 -17.82 8.53 8.50
CA VAL A 327 -17.74 8.48 9.97
C VAL A 327 -19.03 9.14 10.51
N ASP A 328 -19.43 8.69 11.68
CA ASP A 328 -20.64 9.18 12.38
C ASP A 328 -20.24 10.29 13.34
N LEU A 329 -20.73 11.51 13.05
CA LEU A 329 -20.47 12.68 13.89
C LEU A 329 -21.43 12.75 15.08
N GLY A 330 -22.49 11.93 15.05
CA GLY A 330 -23.44 11.88 16.13
C GLY A 330 -24.53 12.91 15.94
N PRO A 331 -25.57 12.79 16.75
CA PRO A 331 -26.71 13.73 16.67
C PRO A 331 -26.55 14.99 17.52
N GLY A 332 -25.44 15.15 18.23
CA GLY A 332 -25.22 16.36 18.98
C GLY A 332 -24.99 17.57 18.08
N PRO A 333 -24.83 18.74 18.70
CA PRO A 333 -24.57 19.95 17.89
C PRO A 333 -23.46 19.75 16.91
N LEU A 334 -23.73 20.09 15.64
CA LEU A 334 -22.73 19.89 14.59
C LEU A 334 -21.51 20.79 14.81
N ASP A 335 -20.35 20.17 15.03
CA ASP A 335 -19.11 20.86 15.33
C ASP A 335 -18.03 20.49 14.33
N VAL A 336 -18.46 20.09 13.12
CA VAL A 336 -17.56 19.74 12.04
C VAL A 336 -18.09 20.41 10.77
N ALA A 337 -17.14 20.90 9.96
CA ALA A 337 -17.46 21.51 8.68
C ALA A 337 -16.60 20.87 7.61
N GLU A 338 -17.12 20.93 6.35
CA GLU A 338 -16.28 20.60 5.25
C GLU A 338 -15.01 21.44 5.29
N GLY A 339 -13.86 20.79 5.02
CA GLY A 339 -12.59 21.46 5.15
C GLY A 339 -11.91 21.25 6.48
N ASP A 340 -12.59 20.77 7.50
CA ASP A 340 -11.95 20.50 8.76
C ASP A 340 -11.01 19.29 8.60
N GLU A 341 -10.18 19.11 9.60
CA GLU A 341 -9.16 18.06 9.57
C GLU A 341 -9.60 16.90 10.44
N ALA A 342 -9.59 15.73 9.88
CA ALA A 342 -9.83 14.47 10.58
C ALA A 342 -8.48 13.75 10.75
N ILE A 343 -8.16 13.38 11.98
CA ILE A 343 -6.93 12.62 12.22
C ILE A 343 -7.25 11.13 12.33
N LEU A 344 -6.62 10.34 11.48
CA LEU A 344 -6.82 8.89 11.52
C LEU A 344 -5.92 8.25 12.55
N PHE A 345 -4.61 8.57 12.53
CA PHE A 345 -3.72 8.17 13.63
C PHE A 345 -2.57 9.14 13.73
N GLY A 346 -1.91 9.12 14.88
CA GLY A 346 -0.84 10.00 15.19
C GLY A 346 -0.16 9.52 16.46
N PRO A 347 0.67 10.39 17.08
CA PRO A 347 1.28 10.00 18.36
C PRO A 347 0.28 9.87 19.52
N GLY A 348 -0.89 10.52 19.42
CA GLY A 348 -1.91 10.47 20.47
C GLY A 348 -1.92 11.69 21.35
N ILE A 349 -1.11 12.69 21.02
CA ILE A 349 -0.98 13.85 21.88
C ILE A 349 -2.31 14.58 22.02
N ARG A 350 -3.13 14.60 20.97
CA ARG A 350 -4.42 15.28 20.99
C ARG A 350 -5.58 14.32 21.24
N GLY A 351 -5.33 13.10 21.68
CA GLY A 351 -6.36 12.11 21.86
C GLY A 351 -6.73 11.32 20.64
N GLU A 352 -6.01 11.51 19.52
CA GLU A 352 -6.26 10.73 18.31
C GLU A 352 -5.81 9.29 18.52
N PRO A 353 -6.30 8.35 17.71
CA PRO A 353 -5.84 6.98 17.76
C PRO A 353 -4.34 6.89 17.32
N THR A 354 -3.71 5.83 17.75
CA THR A 354 -2.33 5.56 17.35
C THR A 354 -2.29 4.50 16.26
N ALA A 355 -1.11 4.41 15.61
CA ALA A 355 -0.87 3.29 14.71
C ALA A 355 -1.07 1.97 15.42
N GLN A 356 -0.64 1.88 16.70
CA GLN A 356 -0.89 0.67 17.47
C GLN A 356 -2.37 0.37 17.59
N ASP A 357 -3.22 1.40 17.65
CA ASP A 357 -4.65 1.16 17.78
C ASP A 357 -5.17 0.44 16.53
N TRP A 358 -4.78 0.90 15.34
CA TRP A 358 -5.10 0.16 14.11
C TRP A 358 -4.58 -1.27 14.15
N ALA A 359 -3.35 -1.43 14.60
CA ALA A 359 -2.78 -2.78 14.66
C ALA A 359 -3.64 -3.69 15.53
N ASP A 360 -4.11 -3.19 16.65
CA ASP A 360 -4.96 -3.99 17.53
C ASP A 360 -6.26 -4.33 16.84
N LEU A 361 -6.80 -3.40 16.09
CA LEU A 361 -8.15 -3.55 15.57
C LEU A 361 -8.20 -4.63 14.50
N VAL A 362 -7.17 -4.71 13.65
CA VAL A 362 -7.22 -5.67 12.56
C VAL A 362 -6.24 -6.82 12.75
N GLY A 363 -5.51 -6.85 13.84
CA GLY A 363 -4.71 -8.01 14.17
C GLY A 363 -3.36 -8.00 13.50
N THR A 364 -2.71 -6.84 13.43
CA THR A 364 -1.36 -6.74 12.87
C THR A 364 -0.44 -5.99 13.80
N ILE A 365 0.60 -5.38 13.25
CA ILE A 365 1.60 -4.63 14.03
C ILE A 365 1.74 -3.27 13.39
N HIS A 366 2.15 -2.29 14.20
CA HIS A 366 2.25 -0.92 13.72
C HIS A 366 3.24 -0.80 12.57
N TYR A 367 4.20 -1.70 12.45
CA TYR A 367 5.09 -1.73 11.31
C TYR A 367 4.27 -1.71 10.01
N GLU A 368 3.27 -2.57 9.94
CA GLU A 368 2.48 -2.67 8.71
C GLU A 368 1.58 -1.46 8.56
N VAL A 369 1.07 -0.93 9.67
CA VAL A 369 0.24 0.26 9.60
C VAL A 369 0.96 1.41 8.93
N VAL A 370 2.22 1.68 9.33
CA VAL A 370 2.85 2.88 8.80
C VAL A 370 3.46 2.68 7.43
N THR A 371 3.60 1.46 6.95
CA THR A 371 4.04 1.23 5.58
C THR A 371 2.83 1.11 4.62
N SER A 372 1.61 1.38 5.10
CA SER A 372 0.39 1.31 4.31
C SER A 372 -0.04 2.63 3.62
N PRO A 373 -0.01 3.75 4.29
CA PRO A 373 -0.54 4.99 3.68
C PRO A 373 0.17 5.35 2.41
N ARG A 374 -0.61 5.73 1.40
CA ARG A 374 -0.11 5.92 0.05
C ARG A 374 -1.26 6.56 -0.75
N GLY A 375 -1.09 6.67 -2.02
CA GLY A 375 -2.17 7.07 -2.92
C GLY A 375 -2.53 8.52 -2.69
N ARG A 376 -3.78 8.76 -2.31
CA ARG A 376 -4.20 10.11 -1.99
C ARG A 376 -3.54 10.66 -0.73
N ILE A 377 -2.97 9.77 0.09
CA ILE A 377 -2.30 10.21 1.34
C ILE A 377 -0.89 10.62 0.95
N THR A 378 -0.70 11.92 0.77
CA THR A 378 0.60 12.48 0.35
C THR A 378 1.53 12.61 1.57
N ARG A 379 2.80 12.19 1.43
CA ARG A 379 3.72 12.34 2.51
C ARG A 379 4.19 13.81 2.61
N THR A 380 4.10 14.38 3.81
CA THR A 380 4.50 15.74 4.08
C THR A 380 5.39 15.76 5.33
N TYR A 381 6.06 16.90 5.53
CA TYR A 381 7.03 17.01 6.63
C TYR A 381 6.77 18.25 7.44
N ARG A 382 6.82 18.11 8.77
CA ARG A 382 6.95 19.21 9.69
C ARG A 382 8.41 19.29 10.14
N GLU A 383 9.07 20.40 9.84
CA GLU A 383 10.47 20.54 10.22
C GLU A 383 10.60 20.58 11.74
N ALA A 384 11.73 20.14 12.23
CA ALA A 384 12.01 20.06 13.66
C ALA A 384 11.85 21.42 14.38
N LEU B 13 14.42 -8.40 -12.00
CA LEU B 13 13.65 -7.63 -11.01
C LEU B 13 13.41 -8.50 -9.77
N LEU B 14 13.40 -7.87 -8.60
CA LEU B 14 13.10 -8.61 -7.37
C LEU B 14 11.70 -9.21 -7.43
N ALA B 15 10.73 -8.45 -7.90
CA ALA B 15 9.33 -8.87 -8.00
C ALA B 15 8.62 -7.95 -8.99
N GLU B 16 7.53 -8.44 -9.54
CA GLU B 16 6.81 -7.64 -10.51
C GLU B 16 5.33 -7.96 -10.44
N ALA B 17 4.53 -6.97 -10.80
CA ALA B 17 3.08 -7.09 -11.04
C ALA B 17 2.94 -6.93 -12.55
N MET B 18 2.84 -8.04 -13.27
CA MET B 18 2.72 -8.00 -14.71
CA MET B 18 2.72 -8.00 -14.71
C MET B 18 1.25 -7.83 -15.08
N VAL B 19 0.95 -6.76 -15.82
CA VAL B 19 -0.41 -6.51 -16.29
C VAL B 19 -0.46 -6.94 -17.74
N ASP B 20 -1.33 -7.90 -18.05
CA ASP B 20 -1.50 -8.40 -19.42
C ASP B 20 -2.52 -7.52 -20.15
N LEU B 21 -2.03 -6.69 -21.05
CA LEU B 21 -2.93 -5.79 -21.75
C LEU B 21 -3.82 -6.53 -22.74
N GLY B 22 -3.42 -7.72 -23.15
CA GLY B 22 -4.31 -8.54 -23.98
C GLY B 22 -5.48 -9.07 -23.16
N ALA B 23 -5.27 -9.32 -21.89
CA ALA B 23 -6.38 -9.62 -20.98
C ALA B 23 -7.31 -8.42 -20.83
N ILE B 24 -6.74 -7.23 -20.62
CA ILE B 24 -7.55 -6.00 -20.55
C ILE B 24 -8.43 -5.86 -21.79
N GLU B 25 -7.80 -5.96 -22.96
CA GLU B 25 -8.58 -5.83 -24.20
C GLU B 25 -9.69 -6.88 -24.25
N HIS B 26 -9.35 -8.14 -23.94
CA HIS B 26 -10.36 -9.19 -23.95
C HIS B 26 -11.53 -8.86 -23.03
N ASN B 27 -11.24 -8.30 -21.85
CA ASN B 27 -12.27 -8.03 -20.86
C ASN B 27 -13.16 -6.88 -21.31
N VAL B 28 -12.55 -5.88 -21.98
CA VAL B 28 -13.32 -4.77 -22.51
C VAL B 28 -14.28 -5.30 -23.58
N ARG B 29 -13.79 -6.18 -24.45
CA ARG B 29 -14.67 -6.70 -25.50
C ARG B 29 -15.80 -7.55 -24.92
N VAL B 30 -15.52 -8.33 -23.86
CA VAL B 30 -16.57 -9.07 -23.16
C VAL B 30 -17.59 -8.10 -22.56
N LEU B 31 -17.11 -7.03 -21.90
CA LEU B 31 -18.02 -6.07 -21.29
C LEU B 31 -18.90 -5.39 -22.34
N ARG B 32 -18.32 -5.04 -23.50
CA ARG B 32 -19.13 -4.40 -24.55
C ARG B 32 -20.24 -5.31 -25.04
N GLU B 33 -20.03 -6.63 -25.05
CA GLU B 33 -21.11 -7.55 -25.42
C GLU B 33 -22.27 -7.46 -24.42
N HIS B 34 -21.95 -7.46 -23.12
CA HIS B 34 -23.01 -7.37 -22.11
C HIS B 34 -23.69 -6.00 -22.15
N ALA B 35 -22.97 -4.95 -22.52
CA ALA B 35 -23.53 -3.62 -22.54
C ALA B 35 -24.45 -3.42 -23.74
N GLY B 36 -24.31 -4.24 -24.75
CA GLY B 36 -25.16 -4.11 -25.93
C GLY B 36 -24.93 -2.76 -26.57
N HIS B 37 -26.00 -1.97 -26.67
CA HIS B 37 -25.92 -0.69 -27.34
C HIS B 37 -25.38 0.44 -26.46
N ALA B 38 -25.30 0.23 -25.14
CA ALA B 38 -24.84 1.29 -24.26
C ALA B 38 -23.34 1.49 -24.40
N GLN B 39 -22.93 2.75 -24.39
CA GLN B 39 -21.52 3.04 -24.49
C GLN B 39 -20.83 2.68 -23.18
N LEU B 40 -19.55 2.35 -23.27
CA LEU B 40 -18.77 1.86 -22.15
C LEU B 40 -17.87 2.98 -21.63
N MET B 41 -17.96 3.25 -20.33
CA MET B 41 -17.06 4.13 -19.64
C MET B 41 -16.16 3.25 -18.75
N ALA B 42 -14.88 3.13 -19.12
CA ALA B 42 -13.97 2.31 -18.35
C ALA B 42 -13.44 3.13 -17.17
N VAL B 43 -13.58 2.58 -15.98
CA VAL B 43 -13.23 3.26 -14.74
C VAL B 43 -11.77 2.93 -14.41
N VAL B 44 -10.93 3.94 -14.42
CA VAL B 44 -9.49 3.75 -14.21
C VAL B 44 -8.98 4.60 -13.07
N LYS B 45 -9.82 4.86 -12.09
CA LYS B 45 -9.38 5.55 -10.93
C LYS B 45 -8.38 4.69 -10.14
N ALA B 46 -7.74 5.31 -9.14
CA ALA B 46 -6.78 4.60 -8.30
C ALA B 46 -5.65 3.93 -9.14
N ASP B 47 -5.12 4.69 -10.07
CA ASP B 47 -4.07 4.24 -11.00
C ASP B 47 -4.48 2.94 -11.68
N GLY B 48 -5.68 2.95 -12.28
CA GLY B 48 -6.21 1.76 -12.93
C GLY B 48 -6.34 0.56 -11.99
N TYR B 49 -6.92 0.81 -10.79
CA TYR B 49 -7.03 -0.19 -9.75
C TYR B 49 -5.67 -0.90 -9.53
N GLY B 50 -4.60 -0.12 -9.58
CA GLY B 50 -3.27 -0.66 -9.39
C GLY B 50 -2.64 -1.24 -10.64
N HIS B 51 -3.34 -1.25 -11.77
CA HIS B 51 -2.85 -1.80 -13.01
C HIS B 51 -2.21 -0.76 -13.94
N GLY B 52 -2.36 0.52 -13.61
CA GLY B 52 -1.84 1.61 -14.42
C GLY B 52 -2.92 2.31 -15.22
N ALA B 53 -3.38 3.48 -14.78
CA ALA B 53 -4.52 4.12 -15.42
C ALA B 53 -4.28 4.39 -16.89
N THR B 54 -3.11 4.96 -17.23
CA THR B 54 -2.88 5.40 -18.59
C THR B 54 -2.80 4.21 -19.57
N ARG B 55 -2.01 3.18 -19.22
CA ARG B 55 -1.86 2.04 -20.13
CA ARG B 55 -1.86 2.04 -20.13
C ARG B 55 -3.18 1.28 -20.27
N VAL B 56 -3.93 1.15 -19.16
CA VAL B 56 -5.21 0.47 -19.24
C VAL B 56 -6.19 1.30 -20.04
N ALA B 57 -6.26 2.58 -19.75
CA ALA B 57 -7.12 3.49 -20.52
C ALA B 57 -6.86 3.34 -22.01
N GLN B 58 -5.58 3.42 -22.40
CA GLN B 58 -5.24 3.32 -23.84
C GLN B 58 -5.71 2.02 -24.42
N THR B 59 -5.51 0.92 -23.69
CA THR B 59 -5.92 -0.40 -24.21
C THR B 59 -7.43 -0.50 -24.32
N ALA B 60 -8.14 -0.03 -23.28
CA ALA B 60 -9.59 -0.14 -23.28
C ALA B 60 -10.21 0.69 -24.41
N LEU B 61 -9.73 1.92 -24.60
CA LEU B 61 -10.24 2.75 -25.66
C LEU B 61 -9.99 2.10 -27.01
N GLY B 62 -8.82 1.47 -27.15
CA GLY B 62 -8.54 0.77 -28.40
C GLY B 62 -9.43 -0.43 -28.61
N ALA B 63 -9.95 -1.01 -27.53
CA ALA B 63 -10.83 -2.16 -27.58
C ALA B 63 -12.31 -1.78 -27.62
N GLY B 64 -12.64 -0.51 -27.78
CA GLY B 64 -14.03 -0.11 -27.96
C GLY B 64 -14.61 0.77 -26.87
N ALA B 65 -13.87 1.03 -25.79
CA ALA B 65 -14.37 1.91 -24.76
C ALA B 65 -14.57 3.31 -25.31
N ALA B 66 -15.74 3.90 -25.03
CA ALA B 66 -16.02 5.26 -25.49
C ALA B 66 -15.46 6.34 -24.56
N GLU B 67 -15.51 6.14 -23.26
CA GLU B 67 -15.18 7.17 -22.27
C GLU B 67 -14.34 6.56 -21.16
N LEU B 68 -13.74 7.42 -20.35
CA LEU B 68 -13.01 7.04 -19.18
C LEU B 68 -13.63 7.69 -17.94
N GLY B 69 -13.68 6.94 -16.85
CA GLY B 69 -14.10 7.46 -15.57
C GLY B 69 -13.06 7.38 -14.49
N VAL B 70 -12.91 8.47 -13.74
CA VAL B 70 -12.01 8.53 -12.61
C VAL B 70 -12.71 9.24 -11.47
N ALA B 71 -12.13 9.13 -10.27
CA ALA B 71 -12.69 9.85 -9.14
C ALA B 71 -12.33 11.35 -9.21
N THR B 72 -11.04 11.68 -9.31
CA THR B 72 -10.61 13.05 -9.10
C THR B 72 -10.17 13.73 -10.38
N VAL B 73 -10.28 15.05 -10.38
CA VAL B 73 -9.73 15.84 -11.47
C VAL B 73 -8.25 15.55 -11.61
N ASP B 74 -7.54 15.35 -10.50
CA ASP B 74 -6.11 15.07 -10.60
C ASP B 74 -5.86 13.80 -11.39
N GLU B 75 -6.68 12.78 -11.20
CA GLU B 75 -6.58 11.55 -12.00
C GLU B 75 -6.84 11.83 -13.47
N ALA B 76 -7.82 12.69 -13.77
CA ALA B 76 -8.11 13.03 -15.17
C ALA B 76 -6.97 13.85 -15.78
N LEU B 77 -6.42 14.81 -15.04
CA LEU B 77 -5.30 15.61 -15.56
C LEU B 77 -4.07 14.72 -15.82
N ALA B 78 -3.85 13.70 -15.02
CA ALA B 78 -2.77 12.76 -15.29
C ALA B 78 -2.95 12.05 -16.62
N LEU B 79 -4.18 11.59 -16.91
CA LEU B 79 -4.45 10.96 -18.19
C LEU B 79 -4.25 11.94 -19.32
N ARG B 80 -4.72 13.19 -19.12
CA ARG B 80 -4.56 14.18 -20.20
C ARG B 80 -3.08 14.45 -20.47
N ALA B 81 -2.29 14.54 -19.40
CA ALA B 81 -0.85 14.82 -19.56
C ALA B 81 -0.13 13.70 -20.31
N ASP B 82 -0.66 12.47 -20.24
CA ASP B 82 -0.11 11.33 -20.97
C ASP B 82 -0.62 11.24 -22.39
N GLY B 83 -1.36 12.25 -22.88
CA GLY B 83 -1.77 12.31 -24.25
C GLY B 83 -3.17 11.80 -24.53
N ILE B 84 -3.89 11.38 -23.49
CA ILE B 84 -5.25 10.86 -23.69
C ILE B 84 -6.19 12.00 -24.00
N THR B 85 -6.94 11.87 -25.09
CA THR B 85 -7.89 12.89 -25.52
C THR B 85 -9.34 12.42 -25.47
N ALA B 86 -9.59 11.13 -25.22
CA ALA B 86 -10.93 10.63 -25.10
C ALA B 86 -11.65 11.29 -23.93
N PRO B 87 -12.97 11.22 -23.90
CA PRO B 87 -13.71 11.86 -22.79
C PRO B 87 -13.35 11.24 -21.47
N VAL B 88 -13.23 12.10 -20.45
CA VAL B 88 -12.92 11.69 -19.09
CA VAL B 88 -12.91 11.71 -19.08
C VAL B 88 -13.85 12.44 -18.14
N LEU B 89 -14.49 11.70 -17.23
CA LEU B 89 -15.39 12.25 -16.23
C LEU B 89 -14.79 12.01 -14.87
N ALA B 90 -14.83 13.05 -13.99
CA ALA B 90 -14.38 12.96 -12.59
C ALA B 90 -15.53 13.32 -11.66
N TRP B 91 -15.68 12.55 -10.58
CA TRP B 91 -16.87 12.66 -9.76
C TRP B 91 -16.61 12.79 -8.26
N LEU B 92 -15.34 12.93 -7.80
CA LEU B 92 -15.07 13.18 -6.39
C LEU B 92 -14.19 14.41 -6.30
N HIS B 93 -14.71 15.48 -5.71
CA HIS B 93 -14.01 16.75 -5.63
C HIS B 93 -13.93 17.21 -4.20
N PRO B 94 -12.74 17.43 -3.66
CA PRO B 94 -12.60 17.87 -2.28
C PRO B 94 -12.95 19.34 -2.15
N PRO B 95 -13.32 19.78 -0.93
CA PRO B 95 -13.48 21.23 -0.68
C PRO B 95 -12.22 21.95 -1.09
N GLY B 96 -12.40 23.16 -1.66
CA GLY B 96 -11.31 24.00 -2.08
C GLY B 96 -10.77 23.73 -3.47
N ILE B 97 -11.35 22.78 -4.20
CA ILE B 97 -10.88 22.44 -5.53
C ILE B 97 -11.04 23.63 -6.48
N ASP B 98 -10.06 23.80 -7.35
CA ASP B 98 -10.10 24.74 -8.45
C ASP B 98 -10.56 23.93 -9.68
N PHE B 99 -11.79 24.14 -10.09
CA PHE B 99 -12.27 23.49 -11.32
C PHE B 99 -11.66 24.10 -12.57
N GLY B 100 -10.94 25.21 -12.48
CA GLY B 100 -10.39 25.88 -13.65
C GLY B 100 -9.59 24.95 -14.55
N PRO B 101 -8.58 24.28 -13.97
CA PRO B 101 -7.74 23.40 -14.80
C PRO B 101 -8.49 22.26 -15.42
N ALA B 102 -9.55 21.73 -14.74
CA ALA B 102 -10.38 20.73 -15.37
C ALA B 102 -11.04 21.26 -16.63
N LEU B 103 -11.58 22.48 -16.57
CA LEU B 103 -12.22 23.03 -17.75
C LEU B 103 -11.20 23.24 -18.87
N LEU B 104 -10.06 23.78 -18.53
CA LEU B 104 -9.07 24.06 -19.56
C LEU B 104 -8.55 22.76 -20.19
N ALA B 105 -8.64 21.65 -19.46
CA ALA B 105 -8.16 20.35 -19.96
C ALA B 105 -9.26 19.49 -20.55
N ASP B 106 -10.44 20.08 -20.84
CA ASP B 106 -11.60 19.35 -21.34
C ASP B 106 -11.90 18.11 -20.49
N VAL B 107 -11.93 18.33 -19.16
CA VAL B 107 -12.32 17.29 -18.21
C VAL B 107 -13.79 17.51 -17.82
N GLN B 108 -14.60 16.46 -17.95
CA GLN B 108 -15.99 16.48 -17.53
C GLN B 108 -16.08 16.38 -16.01
N VAL B 109 -16.99 17.16 -15.43
CA VAL B 109 -17.11 17.28 -13.97
C VAL B 109 -18.50 16.87 -13.56
N ALA B 110 -18.57 15.87 -12.66
CA ALA B 110 -19.83 15.50 -12.00
C ALA B 110 -19.92 16.23 -10.66
N VAL B 111 -21.00 17.00 -10.49
CA VAL B 111 -21.24 17.76 -9.26
C VAL B 111 -22.27 17.02 -8.42
N SER B 112 -22.12 17.08 -7.10
CA SER B 112 -23.01 16.36 -6.20
C SER B 112 -23.64 17.29 -5.17
N SER B 113 -23.59 18.60 -5.40
CA SER B 113 -24.23 19.57 -4.50
C SER B 113 -24.37 20.88 -5.22
N LEU B 114 -25.27 21.73 -4.70
CA LEU B 114 -25.42 23.05 -5.28
C LEU B 114 -24.11 23.87 -5.10
N ARG B 115 -23.48 23.72 -3.97
CA ARG B 115 -22.21 24.45 -3.74
C ARG B 115 -21.20 24.09 -4.80
N GLN B 116 -21.11 22.80 -5.14
CA GLN B 116 -20.14 22.40 -6.13
C GLN B 116 -20.48 22.96 -7.48
N LEU B 117 -21.79 23.01 -7.84
CA LEU B 117 -22.13 23.64 -9.10
C LEU B 117 -21.77 25.12 -9.09
N ASP B 118 -22.08 25.81 -8.00
CA ASP B 118 -21.73 27.23 -7.95
C ASP B 118 -20.21 27.40 -8.10
N GLU B 119 -19.43 26.48 -7.53
CA GLU B 119 -17.98 26.55 -7.66
C GLU B 119 -17.56 26.34 -9.12
N LEU B 120 -18.16 25.35 -9.76
CA LEU B 120 -17.94 25.14 -11.20
C LEU B 120 -18.33 26.35 -12.02
N LEU B 121 -19.48 26.99 -11.72
CA LEU B 121 -19.90 28.13 -12.49
C LEU B 121 -18.93 29.30 -12.32
N HIS B 122 -18.41 29.52 -11.11
CA HIS B 122 -17.37 30.54 -10.96
C HIS B 122 -16.13 30.21 -11.82
N ALA B 123 -15.77 28.92 -11.90
CA ALA B 123 -14.66 28.53 -12.74
C ALA B 123 -14.93 28.77 -14.22
N VAL B 124 -16.20 28.54 -14.63
CA VAL B 124 -16.58 28.82 -16.04
C VAL B 124 -16.39 30.29 -16.35
N ARG B 125 -16.81 31.17 -15.44
CA ARG B 125 -16.66 32.60 -15.63
C ARG B 125 -15.19 32.97 -15.73
N ARG B 126 -14.37 32.42 -14.84
CA ARG B 126 -12.95 32.75 -14.77
C ARG B 126 -12.19 32.25 -16.00
N THR B 127 -12.57 31.12 -16.58
CA THR B 127 -11.87 30.52 -17.70
C THR B 127 -12.51 30.81 -19.04
N GLY B 128 -13.76 31.27 -19.05
CA GLY B 128 -14.48 31.42 -20.30
C GLY B 128 -14.90 30.13 -20.95
N ARG B 129 -14.75 28.99 -20.29
CA ARG B 129 -14.98 27.68 -20.88
C ARG B 129 -16.27 27.07 -20.34
N THR B 130 -17.17 26.72 -21.25
CA THR B 130 -18.42 26.06 -20.83
C THR B 130 -18.11 24.71 -20.20
N ALA B 131 -18.76 24.40 -19.08
CA ALA B 131 -18.51 23.15 -18.38
C ALA B 131 -19.40 22.03 -18.96
N THR B 132 -18.78 20.87 -19.23
CA THR B 132 -19.55 19.68 -19.63
C THR B 132 -19.92 18.95 -18.36
N VAL B 133 -21.15 19.17 -17.91
CA VAL B 133 -21.51 18.81 -16.53
C VAL B 133 -22.32 17.51 -16.52
N THR B 134 -22.07 16.74 -15.49
CA THR B 134 -22.87 15.61 -15.05
C THR B 134 -23.32 15.89 -13.64
N VAL B 135 -24.53 15.44 -13.31
CA VAL B 135 -25.00 15.55 -11.93
C VAL B 135 -25.02 14.17 -11.33
N LYS B 136 -24.40 14.04 -10.14
CA LYS B 136 -24.39 12.77 -9.41
C LYS B 136 -25.47 12.81 -8.35
N VAL B 137 -26.51 11.98 -8.52
CA VAL B 137 -27.65 11.95 -7.60
C VAL B 137 -27.59 10.69 -6.74
N ASP B 138 -28.01 10.83 -5.48
CA ASP B 138 -28.05 9.71 -4.51
C ASP B 138 -29.32 8.88 -4.71
N THR B 139 -29.15 7.61 -5.12
CA THR B 139 -30.29 6.67 -5.21
C THR B 139 -30.24 5.60 -4.15
N GLY B 140 -29.35 5.71 -3.18
CA GLY B 140 -29.28 4.76 -2.08
C GLY B 140 -27.97 4.62 -1.37
N LEU B 141 -26.84 4.92 -2.06
CA LEU B 141 -25.55 4.75 -1.43
C LEU B 141 -25.36 5.72 -0.26
N ASN B 142 -26.04 6.88 -0.28
CA ASN B 142 -25.96 7.86 0.80
C ASN B 142 -24.54 8.39 1.02
N ARG B 143 -23.76 8.53 -0.06
CA ARG B 143 -22.43 9.11 0.07
CA ARG B 143 -22.43 9.11 0.07
C ARG B 143 -22.42 10.52 -0.53
N ASN B 144 -21.58 10.79 -1.53
CA ASN B 144 -21.54 12.10 -2.18
C ASN B 144 -22.41 11.99 -3.43
N GLY B 145 -23.65 12.44 -3.28
CA GLY B 145 -24.66 12.46 -4.35
C GLY B 145 -25.79 13.36 -3.90
N VAL B 146 -26.34 14.18 -4.82
CA VAL B 146 -27.39 15.09 -4.46
C VAL B 146 -28.56 14.29 -3.88
N GLY B 147 -29.03 14.71 -2.70
CA GLY B 147 -30.21 14.11 -2.11
C GLY B 147 -31.50 14.44 -2.80
N PRO B 148 -32.55 13.64 -2.56
CA PRO B 148 -33.80 13.84 -3.30
C PRO B 148 -34.44 15.19 -3.05
N ALA B 149 -34.28 15.74 -1.86
CA ALA B 149 -34.93 17.02 -1.55
C ALA B 149 -34.24 18.18 -2.28
N GLN B 150 -32.92 18.05 -2.49
CA GLN B 150 -32.07 19.06 -3.08
C GLN B 150 -32.05 19.01 -4.60
N PHE B 151 -32.58 17.95 -5.20
CA PHE B 151 -32.47 17.75 -6.64
C PHE B 151 -33.25 18.81 -7.41
N PRO B 152 -34.46 19.20 -6.99
CA PRO B 152 -35.19 20.20 -7.81
C PRO B 152 -34.46 21.54 -7.90
N ALA B 153 -33.92 22.05 -6.79
CA ALA B 153 -33.13 23.27 -6.83
C ALA B 153 -31.88 23.08 -7.68
N MET B 154 -31.29 21.89 -7.65
CA MET B 154 -30.18 21.59 -8.55
C MET B 154 -30.63 21.69 -10.01
N LEU B 155 -31.76 21.08 -10.35
CA LEU B 155 -32.26 21.18 -11.73
C LEU B 155 -32.48 22.63 -12.09
N THR B 156 -33.06 23.41 -11.17
CA THR B 156 -33.34 24.82 -11.47
C THR B 156 -32.07 25.57 -11.80
N ALA B 157 -31.01 25.37 -10.99
CA ALA B 157 -29.77 26.10 -11.22
C ALA B 157 -29.10 25.64 -12.50
N LEU B 158 -29.16 24.35 -12.79
CA LEU B 158 -28.59 23.83 -14.02
C LEU B 158 -29.30 24.45 -15.23
N ARG B 159 -30.63 24.49 -15.21
CA ARG B 159 -31.35 25.03 -16.34
C ARG B 159 -31.01 26.48 -16.61
N GLN B 160 -30.93 27.31 -15.53
CA GLN B 160 -30.53 28.70 -15.69
C GLN B 160 -29.12 28.81 -16.22
N ALA B 161 -28.20 28.00 -15.71
CA ALA B 161 -26.84 27.98 -16.24
C ALA B 161 -26.84 27.55 -17.70
N MET B 162 -27.63 26.53 -18.03
CA MET B 162 -27.76 26.09 -19.42
CA MET B 162 -27.74 26.09 -19.42
C MET B 162 -28.28 27.21 -20.30
N ALA B 163 -29.31 27.91 -19.80
CA ALA B 163 -29.92 29.00 -20.58
C ALA B 163 -28.96 30.12 -20.89
N GLU B 164 -27.86 30.26 -20.15
CA GLU B 164 -26.85 31.25 -20.50
C GLU B 164 -25.57 30.60 -21.07
N ASP B 165 -25.66 29.35 -21.50
CA ASP B 165 -24.54 28.64 -22.14
CA ASP B 165 -24.54 28.65 -22.13
C ASP B 165 -23.34 28.51 -21.20
N ALA B 166 -23.56 28.54 -19.89
CA ALA B 166 -22.46 28.34 -18.95
C ALA B 166 -22.13 26.86 -18.76
N VAL B 167 -23.08 25.96 -19.02
CA VAL B 167 -22.87 24.53 -18.91
C VAL B 167 -23.54 23.82 -20.06
N ARG B 168 -22.96 22.69 -20.47
CA ARG B 168 -23.63 21.68 -21.31
C ARG B 168 -24.07 20.55 -20.39
N LEU B 169 -25.36 20.22 -20.40
CA LEU B 169 -25.90 19.22 -19.46
CA LEU B 169 -25.91 19.22 -19.47
C LEU B 169 -25.73 17.83 -20.04
N ARG B 170 -24.58 17.23 -19.80
CA ARG B 170 -24.20 15.97 -20.40
C ARG B 170 -24.84 14.78 -19.72
N GLY B 171 -24.67 14.63 -18.41
CA GLY B 171 -25.00 13.37 -17.77
C GLY B 171 -25.76 13.48 -16.47
N LEU B 172 -26.53 12.43 -16.20
CA LEU B 172 -27.05 12.14 -14.86
C LEU B 172 -26.46 10.78 -14.45
N MET B 173 -25.84 10.72 -13.26
CA MET B 173 -25.26 9.48 -12.81
C MET B 173 -25.68 9.18 -11.39
N SER B 174 -25.61 7.89 -11.06
CA SER B 174 -25.64 7.44 -9.68
C SER B 174 -24.87 6.14 -9.61
N HIS B 175 -24.65 5.66 -8.37
CA HIS B 175 -23.84 4.49 -8.13
C HIS B 175 -24.58 3.47 -7.29
N MET B 176 -24.34 2.19 -7.62
CA MET B 176 -25.11 1.08 -7.09
C MET B 176 -24.64 0.72 -5.68
N VAL B 177 -25.59 0.33 -4.82
CA VAL B 177 -25.32 -0.02 -3.43
C VAL B 177 -24.63 -1.37 -3.32
N TYR B 178 -24.99 -2.33 -4.16
CA TYR B 178 -24.34 -3.63 -4.17
C TYR B 178 -23.48 -3.75 -5.43
N ALA B 179 -22.16 -3.89 -5.23
CA ALA B 179 -21.19 -4.20 -6.28
C ALA B 179 -21.13 -5.70 -6.63
N ASP B 180 -21.87 -6.58 -5.93
CA ASP B 180 -21.76 -8.01 -6.21
C ASP B 180 -23.02 -8.82 -5.91
N LYS B 181 -24.19 -8.19 -5.77
CA LYS B 181 -25.42 -8.85 -5.35
C LYS B 181 -26.56 -8.45 -6.31
N PRO B 182 -26.43 -8.80 -7.59
CA PRO B 182 -27.42 -8.34 -8.58
C PRO B 182 -28.86 -8.75 -8.27
N ASP B 183 -29.07 -9.82 -7.54
CA ASP B 183 -30.44 -10.27 -7.29
C ASP B 183 -31.15 -9.39 -6.28
N ASP B 184 -30.39 -8.71 -5.39
CA ASP B 184 -31.01 -7.92 -4.35
C ASP B 184 -31.89 -6.84 -4.97
N SER B 185 -33.08 -6.67 -4.38
CA SER B 185 -34.02 -5.69 -4.91
C SER B 185 -33.50 -4.26 -4.79
N ILE B 186 -32.44 -3.99 -4.01
CA ILE B 186 -32.04 -2.59 -3.98
C ILE B 186 -31.53 -2.16 -5.36
N ASN B 187 -31.06 -3.09 -6.17
CA ASN B 187 -30.69 -2.74 -7.53
C ASN B 187 -31.89 -2.21 -8.30
N ASP B 188 -32.98 -2.95 -8.24
CA ASP B 188 -34.21 -2.51 -8.92
C ASP B 188 -34.70 -1.20 -8.33
N VAL B 189 -34.61 -1.06 -7.00
CA VAL B 189 -35.07 0.15 -6.33
C VAL B 189 -34.24 1.36 -6.78
N GLN B 190 -32.89 1.23 -6.84
CA GLN B 190 -32.09 2.33 -7.32
C GLN B 190 -32.42 2.68 -8.78
N ALA B 191 -32.66 1.67 -9.62
CA ALA B 191 -32.98 1.97 -11.01
C ALA B 191 -34.33 2.68 -11.13
N GLN B 192 -35.30 2.32 -10.30
CA GLN B 192 -36.56 3.05 -10.26
C GLN B 192 -36.38 4.46 -9.75
N ARG B 193 -35.58 4.66 -8.69
CA ARG B 193 -35.33 6.01 -8.22
C ARG B 193 -34.67 6.86 -9.31
N PHE B 194 -33.67 6.29 -9.99
CA PHE B 194 -33.01 6.98 -11.08
C PHE B 194 -34.03 7.38 -12.15
N THR B 195 -34.95 6.50 -12.48
CA THR B 195 -36.00 6.83 -13.45
C THR B 195 -36.89 7.97 -12.95
N ALA B 196 -37.23 7.95 -11.67
CA ALA B 196 -38.02 9.06 -11.13
C ALA B 196 -37.21 10.35 -11.09
N PHE B 197 -35.91 10.27 -10.83
CA PHE B 197 -35.10 11.48 -10.96
C PHE B 197 -35.11 12.02 -12.37
N LEU B 198 -35.04 11.13 -13.38
CA LEU B 198 -35.09 11.58 -14.76
C LEU B 198 -36.44 12.23 -15.07
N ALA B 199 -37.51 11.72 -14.47
CA ALA B 199 -38.84 12.30 -14.65
C ALA B 199 -38.92 13.66 -13.98
N GLN B 200 -38.26 13.80 -12.82
CA GLN B 200 -38.16 15.11 -12.16
C GLN B 200 -37.43 16.12 -13.02
N ALA B 201 -36.35 15.70 -13.66
CA ALA B 201 -35.69 16.59 -14.60
C ALA B 201 -36.68 17.03 -15.69
N ARG B 202 -37.45 16.10 -16.21
CA ARG B 202 -38.39 16.41 -17.29
C ARG B 202 -39.39 17.48 -16.87
N GLU B 203 -39.99 17.34 -15.68
CA GLU B 203 -40.98 18.30 -15.19
C GLU B 203 -40.37 19.67 -14.89
N GLN B 204 -39.05 19.73 -14.75
CA GLN B 204 -38.34 20.97 -14.57
C GLN B 204 -37.68 21.47 -15.87
N GLY B 205 -38.02 20.87 -17.01
CA GLY B 205 -37.57 21.38 -18.29
C GLY B 205 -36.13 21.04 -18.62
N VAL B 206 -35.59 19.99 -18.04
CA VAL B 206 -34.18 19.65 -18.14
C VAL B 206 -34.06 18.28 -18.77
N ARG B 207 -33.25 18.17 -19.81
CA ARG B 207 -32.91 16.91 -20.45
C ARG B 207 -31.40 16.70 -20.37
N PHE B 208 -30.98 15.52 -19.89
CA PHE B 208 -29.60 15.10 -19.95
C PHE B 208 -29.32 14.35 -21.24
N GLU B 209 -28.13 14.53 -21.79
CA GLU B 209 -27.79 13.77 -22.99
C GLU B 209 -27.79 12.27 -22.70
N VAL B 210 -27.17 11.87 -21.57
CA VAL B 210 -27.06 10.44 -21.22
C VAL B 210 -27.26 10.25 -19.73
N ALA B 211 -27.69 9.06 -19.36
CA ALA B 211 -27.82 8.66 -17.94
C ALA B 211 -27.15 7.32 -17.72
N HIS B 212 -26.42 7.18 -16.58
CA HIS B 212 -25.77 5.91 -16.30
C HIS B 212 -25.77 5.60 -14.81
N LEU B 213 -26.04 4.32 -14.50
CA LEU B 213 -26.09 3.82 -13.13
C LEU B 213 -25.18 2.63 -12.89
N SER B 214 -24.67 1.95 -13.92
CA SER B 214 -24.24 0.57 -13.82
C SER B 214 -22.72 0.45 -13.65
N ASN B 215 -22.31 -0.26 -12.62
CA ASN B 215 -20.95 -0.72 -12.42
C ASN B 215 -20.73 -2.06 -13.12
N SER B 216 -19.62 -2.76 -12.80
CA SER B 216 -19.33 -4.04 -13.46
C SER B 216 -20.41 -5.08 -13.22
N SER B 217 -20.92 -5.15 -11.99
CA SER B 217 -21.91 -6.15 -11.65
C SER B 217 -23.21 -5.92 -12.40
N ALA B 218 -23.69 -4.65 -12.41
CA ALA B 218 -24.96 -4.37 -13.10
C ALA B 218 -24.80 -4.58 -14.58
N THR B 219 -23.66 -4.17 -15.14
CA THR B 219 -23.42 -4.37 -16.56
C THR B 219 -23.54 -5.86 -16.94
N MET B 220 -22.90 -6.73 -16.16
CA MET B 220 -22.79 -8.12 -16.56
CA MET B 220 -22.78 -8.13 -16.55
C MET B 220 -23.96 -8.99 -16.09
N ALA B 221 -24.60 -8.65 -14.97
CA ALA B 221 -25.66 -9.49 -14.42
C ALA B 221 -27.04 -8.83 -14.39
N ARG B 222 -27.15 -7.51 -14.46
CA ARG B 222 -28.42 -6.81 -14.53
C ARG B 222 -28.52 -5.94 -15.78
N PRO B 223 -28.38 -6.53 -16.98
CA PRO B 223 -28.52 -5.76 -18.21
C PRO B 223 -29.92 -5.19 -18.43
N ASP B 224 -30.90 -5.65 -17.66
CA ASP B 224 -32.23 -5.04 -17.71
C ASP B 224 -32.25 -3.70 -17.01
N LEU B 225 -31.20 -3.36 -16.25
CA LEU B 225 -31.13 -2.09 -15.53
C LEU B 225 -30.20 -1.11 -16.22
N THR B 226 -29.76 -1.40 -17.43
CA THR B 226 -28.79 -0.57 -18.10
C THR B 226 -29.46 0.64 -18.74
N PHE B 227 -28.86 1.82 -18.55
CA PHE B 227 -29.39 3.04 -19.10
C PHE B 227 -28.59 3.34 -20.36
N ASP B 228 -27.96 4.54 -20.45
CA ASP B 228 -27.32 4.91 -21.71
C ASP B 228 -25.84 4.57 -21.74
N LEU B 229 -25.19 4.54 -20.58
CA LEU B 229 -23.79 4.17 -20.46
C LEU B 229 -23.66 3.15 -19.35
N VAL B 230 -22.58 2.41 -19.40
CA VAL B 230 -22.17 1.53 -18.30
C VAL B 230 -20.79 1.96 -17.85
N ARG B 231 -20.50 1.77 -16.55
CA ARG B 231 -19.25 2.23 -15.95
C ARG B 231 -18.51 1.06 -15.28
N PRO B 232 -18.03 0.08 -16.04
CA PRO B 232 -17.31 -1.03 -15.43
C PRO B 232 -15.91 -0.64 -14.99
N GLY B 233 -15.55 -1.08 -13.80
CA GLY B 233 -14.19 -0.93 -13.30
C GLY B 233 -13.57 -2.30 -13.10
N ILE B 234 -13.99 -2.98 -12.05
CA ILE B 234 -13.36 -4.21 -11.62
C ILE B 234 -13.27 -5.24 -12.74
N ALA B 235 -14.31 -5.31 -13.61
CA ALA B 235 -14.35 -6.32 -14.66
C ALA B 235 -13.34 -6.06 -15.76
N VAL B 236 -12.98 -4.80 -15.98
CA VAL B 236 -11.95 -4.43 -16.97
C VAL B 236 -10.63 -5.12 -16.61
N TYR B 237 -10.29 -5.16 -15.32
CA TYR B 237 -9.10 -5.79 -14.82
C TYR B 237 -9.24 -7.31 -14.73
N GLY B 238 -10.37 -7.85 -15.17
CA GLY B 238 -10.54 -9.28 -15.25
C GLY B 238 -11.06 -9.94 -14.00
N LEU B 239 -11.31 -9.17 -12.95
CA LEU B 239 -11.73 -9.71 -11.65
C LEU B 239 -13.26 -9.83 -11.62
N SER B 240 -13.72 -10.97 -11.19
CA SER B 240 -15.14 -11.29 -11.31
C SER B 240 -15.99 -10.33 -10.48
N PRO B 241 -16.98 -9.64 -11.08
CA PRO B 241 -17.84 -8.75 -10.30
C PRO B 241 -18.86 -9.48 -9.45
N VAL B 242 -19.04 -10.77 -9.66
CA VAL B 242 -19.88 -11.60 -8.79
C VAL B 242 -19.11 -12.90 -8.55
N PRO B 243 -18.22 -12.94 -7.55
CA PRO B 243 -17.28 -14.06 -7.46
C PRO B 243 -17.95 -15.41 -7.35
N ALA B 244 -19.16 -15.48 -6.77
CA ALA B 244 -19.88 -16.74 -6.65
C ALA B 244 -20.26 -17.34 -8.00
N LEU B 245 -20.12 -16.63 -9.09
CA LEU B 245 -20.46 -17.17 -10.39
C LEU B 245 -19.25 -17.64 -11.20
N GLY B 246 -18.02 -17.54 -10.64
CA GLY B 246 -16.85 -17.90 -11.40
C GLY B 246 -16.23 -16.70 -12.09
N ASP B 247 -15.42 -16.98 -13.11
CA ASP B 247 -14.66 -15.91 -13.76
C ASP B 247 -15.49 -15.10 -14.75
N MET B 248 -16.70 -15.56 -15.09
CA MET B 248 -17.61 -14.84 -15.97
C MET B 248 -16.96 -14.55 -17.31
N GLY B 249 -16.12 -15.46 -17.78
CA GLY B 249 -15.50 -15.26 -19.08
C GLY B 249 -14.46 -14.18 -19.14
N LEU B 250 -14.07 -13.61 -17.98
CA LEU B 250 -13.04 -12.60 -17.89
C LEU B 250 -11.70 -13.24 -17.50
N VAL B 251 -10.62 -12.49 -17.76
CA VAL B 251 -9.27 -12.99 -17.48
C VAL B 251 -8.61 -11.96 -16.58
N PRO B 252 -8.33 -12.27 -15.31
CA PRO B 252 -7.61 -11.34 -14.48
C PRO B 252 -6.30 -10.92 -15.14
N ALA B 253 -6.06 -9.62 -15.18
CA ALA B 253 -4.94 -9.08 -15.92
C ALA B 253 -3.66 -9.02 -15.12
N MET B 254 -3.74 -9.07 -13.79
CA MET B 254 -2.55 -8.88 -12.97
C MET B 254 -2.03 -10.23 -12.49
N THR B 255 -0.74 -10.46 -12.71
CA THR B 255 0.02 -11.58 -12.15
C THR B 255 1.14 -11.00 -11.27
N VAL B 256 1.14 -11.36 -10.00
CA VAL B 256 2.18 -10.94 -9.08
C VAL B 256 3.15 -12.10 -8.92
N LYS B 257 4.43 -11.84 -9.14
CA LYS B 257 5.44 -12.88 -9.10
C LYS B 257 6.73 -12.28 -8.56
N CYS B 258 7.62 -13.15 -8.10
CA CYS B 258 8.90 -12.70 -7.57
C CYS B 258 9.91 -13.82 -7.71
N ALA B 259 11.17 -13.43 -7.61
CA ALA B 259 12.25 -14.43 -7.76
C ALA B 259 12.49 -15.08 -6.39
N VAL B 260 12.99 -16.31 -6.44
CA VAL B 260 13.43 -17.02 -5.24
C VAL B 260 14.80 -16.48 -4.88
N ALA B 261 14.88 -15.81 -3.72
CA ALA B 261 16.10 -15.12 -3.34
C ALA B 261 17.06 -16.02 -2.59
N LEU B 262 16.58 -17.13 -2.07
CA LEU B 262 17.43 -17.98 -1.26
C LEU B 262 16.71 -19.30 -1.02
N VAL B 263 17.47 -20.38 -1.11
CA VAL B 263 17.00 -21.72 -0.78
C VAL B 263 17.80 -22.18 0.42
N LYS B 264 17.11 -22.48 1.51
CA LYS B 264 17.74 -22.74 2.80
C LYS B 264 17.20 -24.05 3.37
N SER B 265 18.09 -24.97 3.69
CA SER B 265 17.69 -26.19 4.38
C SER B 265 17.50 -25.88 5.87
N ILE B 266 16.55 -26.58 6.48
CA ILE B 266 16.36 -26.51 7.94
C ILE B 266 16.07 -27.91 8.48
N ARG B 267 16.49 -28.12 9.73
CA ARG B 267 16.27 -29.41 10.39
C ARG B 267 14.94 -29.38 11.12
N ALA B 268 14.34 -30.56 11.26
CA ALA B 268 13.10 -30.70 12.03
C ALA B 268 13.28 -30.15 13.44
N GLY B 269 12.32 -29.35 13.88
CA GLY B 269 12.41 -28.68 15.17
C GLY B 269 12.88 -27.25 15.14
N GLU B 270 13.43 -26.79 14.02
CA GLU B 270 13.86 -25.40 13.88
C GLU B 270 12.67 -24.50 13.61
N GLY B 271 12.75 -23.26 14.11
CA GLY B 271 11.72 -22.28 13.90
C GLY B 271 12.07 -21.33 12.77
N VAL B 272 11.05 -20.58 12.33
CA VAL B 272 11.19 -19.66 11.21
C VAL B 272 10.59 -18.31 11.58
N SER B 273 11.22 -17.23 11.09
CA SER B 273 10.73 -15.86 11.23
C SER B 273 10.47 -15.47 12.68
N TYR B 274 10.05 -14.23 12.89
CA TYR B 274 9.94 -13.67 14.23
C TYR B 274 8.96 -14.48 15.08
N GLY B 275 9.31 -14.64 16.36
CA GLY B 275 8.52 -15.40 17.31
C GLY B 275 8.51 -16.90 17.09
N HIS B 276 9.25 -17.39 16.08
CA HIS B 276 9.29 -18.81 15.75
C HIS B 276 7.89 -19.43 15.73
N THR B 277 6.98 -18.75 15.03
CA THR B 277 5.57 -19.14 15.00
C THR B 277 5.33 -20.45 14.26
N TRP B 278 6.33 -20.99 13.55
CA TRP B 278 6.19 -22.26 12.83
C TRP B 278 7.44 -23.08 13.04
N ILE B 279 7.26 -24.36 13.41
CA ILE B 279 8.37 -25.28 13.64
C ILE B 279 8.38 -26.33 12.53
N ALA B 280 9.56 -26.82 12.21
CA ALA B 280 9.71 -27.78 11.13
C ALA B 280 9.39 -29.18 11.64
N PRO B 281 8.28 -29.80 11.21
CA PRO B 281 8.02 -31.17 11.65
C PRO B 281 8.98 -32.16 11.02
N ARG B 282 9.53 -31.85 9.84
CA ARG B 282 10.46 -32.71 9.14
C ARG B 282 11.58 -31.87 8.54
N ASP B 283 12.76 -32.47 8.39
CA ASP B 283 13.82 -31.86 7.59
C ASP B 283 13.27 -31.45 6.23
N THR B 284 13.42 -30.18 5.89
CA THR B 284 12.86 -29.71 4.62
C THR B 284 13.67 -28.51 4.12
N ASN B 285 13.18 -27.91 3.04
CA ASN B 285 13.84 -26.80 2.39
C ASN B 285 12.84 -25.65 2.26
N LEU B 286 13.33 -24.44 2.51
CA LEU B 286 12.51 -23.25 2.43
C LEU B 286 13.04 -22.34 1.34
N ALA B 287 12.13 -21.56 0.75
CA ALA B 287 12.47 -20.52 -0.20
C ALA B 287 12.15 -19.16 0.41
N LEU B 288 13.11 -18.24 0.35
CA LEU B 288 12.90 -16.87 0.84
C LEU B 288 12.43 -16.07 -0.36
N LEU B 289 11.22 -15.53 -0.26
CA LEU B 289 10.67 -14.63 -1.25
C LEU B 289 10.83 -13.19 -0.77
N PRO B 290 11.57 -12.30 -1.54
CA PRO B 290 11.98 -10.99 -1.01
C PRO B 290 10.96 -9.90 -1.21
N ILE B 291 9.70 -10.21 -0.88
CA ILE B 291 8.66 -9.21 -0.75
C ILE B 291 7.88 -9.53 0.52
N GLY B 292 7.24 -8.49 1.05
CA GLY B 292 6.53 -8.63 2.32
C GLY B 292 5.42 -7.62 2.43
N TYR B 293 5.00 -7.29 3.67
CA TYR B 293 3.79 -6.47 3.80
C TYR B 293 4.00 -5.02 3.36
N ALA B 294 5.22 -4.49 3.43
CA ALA B 294 5.44 -3.13 2.90
C ALA B 294 5.31 -3.12 1.39
N ASP B 295 5.40 -4.29 0.79
CA ASP B 295 5.19 -4.41 -0.65
C ASP B 295 3.78 -4.81 -0.99
N GLY B 296 2.90 -4.90 0.00
CA GLY B 296 1.50 -5.24 -0.24
C GLY B 296 1.14 -6.69 -0.01
N VAL B 297 2.07 -7.52 0.46
CA VAL B 297 1.71 -8.89 0.84
C VAL B 297 1.12 -8.81 2.25
N PHE B 298 -0.20 -8.73 2.33
CA PHE B 298 -0.89 -8.61 3.62
C PHE B 298 -0.26 -9.53 4.65
N ARG B 299 0.11 -8.94 5.80
CA ARG B 299 0.70 -9.73 6.88
C ARG B 299 -0.20 -10.87 7.33
N SER B 300 -1.53 -10.64 7.29
CA SER B 300 -2.49 -11.65 7.70
C SER B 300 -2.50 -12.86 6.78
N LEU B 301 -1.80 -12.80 5.66
CA LEU B 301 -1.62 -14.00 4.84
C LEU B 301 -0.63 -14.96 5.43
N GLY B 302 0.18 -14.53 6.42
CA GLY B 302 1.18 -15.42 7.00
C GLY B 302 0.63 -16.78 7.38
N GLY B 303 1.36 -17.84 7.00
CA GLY B 303 0.97 -19.20 7.31
C GLY B 303 -0.31 -19.67 6.65
N ARG B 304 -0.89 -18.90 5.74
CA ARG B 304 -2.10 -19.28 5.03
CA ARG B 304 -2.10 -19.28 5.03
C ARG B 304 -1.97 -19.29 3.52
N LEU B 305 -1.22 -18.35 2.93
CA LEU B 305 -1.09 -18.30 1.48
C LEU B 305 -0.22 -19.45 0.96
N GLU B 306 -0.35 -19.72 -0.35
CA GLU B 306 0.49 -20.62 -1.10
C GLU B 306 1.03 -19.86 -2.31
N VAL B 307 2.21 -20.24 -2.79
CA VAL B 307 2.73 -19.72 -4.05
C VAL B 307 2.99 -20.88 -4.98
N LEU B 308 3.02 -20.57 -6.27
CA LEU B 308 3.30 -21.58 -7.29
C LEU B 308 4.74 -21.42 -7.75
N ILE B 309 5.52 -22.47 -7.59
CA ILE B 309 6.90 -22.51 -8.05
C ILE B 309 7.09 -23.76 -8.91
N ASN B 310 7.50 -23.57 -10.14
CA ASN B 310 7.77 -24.67 -11.05
C ASN B 310 6.64 -25.69 -11.00
N GLY B 311 5.40 -25.18 -10.95
CA GLY B 311 4.23 -26.00 -11.11
C GLY B 311 3.60 -26.53 -9.84
N ARG B 312 4.23 -26.33 -8.68
CA ARG B 312 3.77 -26.90 -7.44
C ARG B 312 3.39 -25.78 -6.47
N ARG B 313 2.32 -26.02 -5.71
CA ARG B 313 1.96 -25.11 -4.63
C ARG B 313 2.92 -25.31 -3.46
N CYS B 314 3.45 -24.20 -2.96
CA CYS B 314 4.39 -24.18 -1.86
C CYS B 314 3.78 -23.29 -0.78
N PRO B 315 3.51 -23.81 0.43
CA PRO B 315 2.82 -23.00 1.43
C PRO B 315 3.76 -22.02 2.14
N GLY B 316 3.25 -20.83 2.39
CA GLY B 316 3.95 -19.92 3.28
C GLY B 316 3.99 -20.49 4.69
N VAL B 317 5.13 -20.30 5.37
CA VAL B 317 5.29 -20.75 6.74
C VAL B 317 5.90 -19.60 7.53
N GLY B 318 5.41 -19.40 8.76
CA GLY B 318 5.89 -18.34 9.60
C GLY B 318 5.28 -17.01 9.20
N ARG B 319 5.68 -15.97 9.94
CA ARG B 319 5.12 -14.65 9.74
C ARG B 319 5.67 -14.01 8.47
N ILE B 320 4.84 -13.20 7.85
CA ILE B 320 5.28 -12.34 6.76
C ILE B 320 6.02 -11.17 7.36
N CYS B 321 7.22 -10.89 6.85
CA CYS B 321 8.02 -9.78 7.38
C CYS B 321 7.80 -8.56 6.50
N MET B 322 8.52 -7.46 6.81
CA MET B 322 8.20 -6.23 6.13
C MET B 322 8.51 -6.35 4.61
N ASN B 323 9.54 -7.13 4.26
CA ASN B 323 9.90 -7.24 2.85
C ASN B 323 10.31 -8.67 2.47
N GLN B 324 9.93 -9.67 3.26
CA GLN B 324 10.22 -11.06 2.88
C GLN B 324 9.32 -12.00 3.65
N PHE B 325 9.16 -13.21 3.08
CA PHE B 325 8.53 -14.33 3.79
C PHE B 325 9.07 -15.62 3.18
N MET B 326 8.80 -16.72 3.88
CA MET B 326 9.30 -18.02 3.54
CA MET B 326 9.30 -18.02 3.54
C MET B 326 8.15 -18.92 3.10
N VAL B 327 8.46 -19.82 2.16
CA VAL B 327 7.52 -20.85 1.73
C VAL B 327 8.22 -22.19 1.86
N ASP B 328 7.43 -23.23 2.11
CA ASP B 328 7.95 -24.57 2.29
C ASP B 328 8.08 -25.26 0.93
N LEU B 329 9.30 -25.66 0.58
CA LEU B 329 9.56 -26.33 -0.69
C LEU B 329 9.56 -27.85 -0.55
N GLY B 330 9.48 -28.38 0.65
CA GLY B 330 9.55 -29.82 0.86
C GLY B 330 10.98 -30.32 0.86
N PRO B 331 11.17 -31.61 1.12
CA PRO B 331 12.52 -32.20 1.10
C PRO B 331 12.94 -32.78 -0.25
N PRO B 333 15.31 -34.24 -2.86
CA PRO B 333 15.96 -33.39 -3.86
C PRO B 333 15.02 -32.31 -4.36
N LEU B 334 15.57 -31.15 -4.70
CA LEU B 334 14.77 -29.95 -4.95
C LEU B 334 14.61 -29.70 -6.45
N ASP B 335 13.40 -29.28 -6.82
CA ASP B 335 13.11 -28.83 -8.19
C ASP B 335 12.97 -27.32 -8.26
N VAL B 336 13.47 -26.62 -7.25
CA VAL B 336 13.45 -25.17 -7.18
C VAL B 336 14.86 -24.67 -6.95
N ALA B 337 15.26 -23.64 -7.67
CA ALA B 337 16.58 -23.05 -7.55
C ALA B 337 16.45 -21.55 -7.27
N GLU B 338 17.48 -21.02 -6.59
CA GLU B 338 17.63 -19.58 -6.44
C GLU B 338 17.55 -18.90 -7.81
N GLY B 339 16.67 -17.91 -7.88
CA GLY B 339 16.40 -17.21 -9.12
C GLY B 339 15.19 -17.72 -9.89
N ASP B 340 14.70 -18.90 -9.58
CA ASP B 340 13.46 -19.35 -10.20
C ASP B 340 12.33 -18.40 -9.80
N GLU B 341 11.23 -18.46 -10.55
CA GLU B 341 10.10 -17.55 -10.35
C GLU B 341 9.03 -18.24 -9.52
N ALA B 342 8.44 -17.47 -8.61
CA ALA B 342 7.30 -17.90 -7.81
C ALA B 342 6.14 -16.99 -8.15
N ILE B 343 4.97 -17.58 -8.37
CA ILE B 343 3.78 -16.80 -8.68
C ILE B 343 2.90 -16.73 -7.44
N LEU B 344 2.62 -15.51 -6.97
CA LEU B 344 1.79 -15.31 -5.79
C LEU B 344 0.30 -15.33 -6.15
N PHE B 345 -0.09 -14.58 -7.17
CA PHE B 345 -1.46 -14.70 -7.72
C PHE B 345 -1.48 -14.20 -9.15
N GLY B 346 -2.53 -14.59 -9.87
CA GLY B 346 -2.74 -14.25 -11.24
C GLY B 346 -4.11 -14.73 -11.70
N PRO B 347 -4.36 -14.80 -13.01
CA PRO B 347 -5.65 -15.31 -13.49
C PRO B 347 -5.91 -16.75 -13.11
N GLY B 348 -4.87 -17.54 -12.82
CA GLY B 348 -5.03 -18.92 -12.43
C GLY B 348 -4.80 -19.91 -13.56
N ILE B 349 -4.25 -19.43 -14.67
CA ILE B 349 -4.14 -20.25 -15.88
C ILE B 349 -3.14 -21.38 -15.68
N ARG B 350 -2.03 -21.11 -14.98
CA ARG B 350 -0.99 -22.10 -14.75
C ARG B 350 -1.17 -22.82 -13.40
N GLY B 351 -2.31 -22.66 -12.74
CA GLY B 351 -2.55 -23.28 -11.46
C GLY B 351 -2.17 -22.43 -10.27
N GLU B 352 -1.83 -21.18 -10.49
CA GLU B 352 -1.44 -20.30 -9.40
C GLU B 352 -2.69 -19.82 -8.66
N PRO B 353 -2.53 -19.37 -7.41
CA PRO B 353 -3.65 -18.69 -6.73
C PRO B 353 -4.15 -17.48 -7.52
N THR B 354 -5.37 -17.07 -7.19
CA THR B 354 -5.97 -15.88 -7.78
C THR B 354 -6.04 -14.77 -6.74
N ALA B 355 -6.31 -13.54 -7.24
CA ALA B 355 -6.58 -12.43 -6.32
C ALA B 355 -7.76 -12.75 -5.41
N GLN B 356 -8.76 -13.47 -5.95
CA GLN B 356 -9.88 -13.89 -5.10
C GLN B 356 -9.44 -14.86 -4.01
N ASP B 357 -8.42 -15.70 -4.30
CA ASP B 357 -7.96 -16.58 -3.23
C ASP B 357 -7.41 -15.77 -2.07
N TRP B 358 -6.61 -14.73 -2.36
CA TRP B 358 -6.11 -13.86 -1.29
C TRP B 358 -7.25 -13.20 -0.55
N ALA B 359 -8.23 -12.67 -1.29
CA ALA B 359 -9.38 -12.05 -0.67
C ALA B 359 -10.05 -13.00 0.32
N ASP B 360 -10.18 -14.28 -0.06
CA ASP B 360 -10.82 -15.25 0.82
C ASP B 360 -10.00 -15.48 2.08
N LEU B 361 -8.67 -15.59 1.92
CA LEU B 361 -7.81 -15.87 3.07
C LEU B 361 -7.80 -14.70 4.06
N VAL B 362 -7.82 -13.49 3.54
CA VAL B 362 -7.71 -12.26 4.34
C VAL B 362 -9.06 -11.78 4.86
N GLY B 363 -10.16 -12.28 4.35
CA GLY B 363 -11.46 -11.68 4.62
C GLY B 363 -11.62 -10.32 3.95
N THR B 364 -11.26 -10.19 2.68
CA THR B 364 -11.49 -8.93 1.99
C THR B 364 -12.01 -9.21 0.57
N ILE B 365 -11.85 -8.25 -0.31
CA ILE B 365 -12.33 -8.36 -1.68
C ILE B 365 -11.16 -8.18 -2.61
N HIS B 366 -11.31 -8.69 -3.84
CA HIS B 366 -10.16 -8.61 -4.77
C HIS B 366 -9.84 -7.17 -5.16
N TYR B 367 -10.76 -6.22 -5.03
CA TYR B 367 -10.48 -4.83 -5.24
C TYR B 367 -9.28 -4.39 -4.37
N GLU B 368 -9.33 -4.76 -3.11
CA GLU B 368 -8.23 -4.38 -2.18
C GLU B 368 -6.95 -5.15 -2.49
N VAL B 369 -7.07 -6.38 -2.98
CA VAL B 369 -5.88 -7.17 -3.26
C VAL B 369 -5.07 -6.53 -4.40
N VAL B 370 -5.71 -6.14 -5.48
CA VAL B 370 -4.95 -5.66 -6.63
C VAL B 370 -4.45 -4.22 -6.46
N THR B 371 -4.98 -3.43 -5.53
CA THR B 371 -4.43 -2.13 -5.21
C THR B 371 -3.35 -2.19 -4.12
N SER B 372 -2.93 -3.41 -3.72
CA SER B 372 -1.95 -3.58 -2.66
C SER B 372 -0.51 -3.65 -3.17
N PRO B 373 -0.21 -4.36 -4.25
CA PRO B 373 1.20 -4.54 -4.66
C PRO B 373 1.88 -3.22 -4.94
N ARG B 374 3.08 -3.07 -4.38
CA ARG B 374 3.82 -1.81 -4.50
C ARG B 374 5.28 -2.08 -4.08
N GLY B 375 6.04 -0.99 -3.90
CA GLY B 375 7.38 -1.07 -3.35
C GLY B 375 8.31 -1.89 -4.22
N ARG B 376 8.72 -3.06 -3.68
CA ARG B 376 9.61 -3.94 -4.43
C ARG B 376 8.90 -4.59 -5.62
N ILE B 377 7.58 -4.61 -5.62
CA ILE B 377 6.82 -5.22 -6.71
C ILE B 377 6.68 -4.14 -7.80
N THR B 378 7.49 -4.26 -8.83
CA THR B 378 7.51 -3.31 -9.94
C THR B 378 6.41 -3.66 -10.92
N ARG B 379 5.60 -2.67 -11.29
CA ARG B 379 4.54 -2.92 -12.29
CA ARG B 379 4.54 -2.92 -12.29
C ARG B 379 5.15 -2.99 -13.68
N THR B 380 4.76 -4.00 -14.45
CA THR B 380 5.22 -4.23 -15.81
C THR B 380 4.02 -4.59 -16.68
N TYR B 381 4.22 -4.58 -18.01
CA TYR B 381 3.15 -4.80 -18.98
C TYR B 381 3.53 -5.84 -20.02
N ARG B 382 2.59 -6.75 -20.31
CA ARG B 382 2.64 -7.62 -21.46
C ARG B 382 1.68 -7.04 -22.50
N GLU B 383 2.20 -6.75 -23.68
CA GLU B 383 1.36 -6.16 -24.72
C GLU B 383 0.39 -7.19 -25.28
N ALA B 384 -0.73 -6.70 -25.80
CA ALA B 384 -1.74 -7.57 -26.40
C ALA B 384 -1.19 -8.32 -27.62
#